data_7EBG
#
_entry.id   7EBG
#
_cell.length_a   69.965
_cell.length_b   67.441
_cell.length_c   78.605
_cell.angle_alpha   90.000
_cell.angle_beta   101.185
_cell.angle_gamma   90.000
#
_symmetry.space_group_name_H-M   'P 1 21 1'
#
loop_
_entity.id
_entity.type
_entity.pdbx_description
1 polymer '[Pyruvate dehydrogenase (acetyl-transferring)] kinase isozyme 4, mitochondrial'
2 non-polymer 'SULFATE ION'
3 non-polymer 3,3-dimethyl-7-(methylamino)-1H-indol-2-one
4 non-polymer 'MAGNESIUM ION'
5 non-polymer "ADENOSINE-5'-DIPHOSPHATE"
6 water water
#
_entity_poly.entity_id   1
_entity_poly.type   'polypeptide(L)'
_entity_poly.pdbx_seq_one_letter_code
;GPSAGSLNGAGLVPREVEHFSRYSPSPLSMKQLLDFGSENACERTSFAFLRQELPVRLANILKEIDILPTQLVNTSSVQL
VKSWYIQSLMDLVEFHEKSPDDQKALSDFVDTLIKVRNRHHNVVPTMAQGIIEYKDACTVDPVTNQNLQYFLDRFYMNRI
STRMLMNQHILIFSDSQTGNPSHIGSIDPNCDVVAVVQDAFECSRMLCDQYYLSSPELKLTQVNGKFPDQPIHIVYVPSH
LHHMLFELFKNAMRATVEHQENQPSLTPIEVIVVLGKEDLTIKISDRGGGVPLRIIDRLFSYTYSTAPTPVMDNSRNAPL
AGFGYGLPISRLYAKYFQGDLNLYSLSGYGTDAIIYLKALSSESIEKLPVFNKSAFKHYQMSSEADDWCIPSREPKNLAK
EVAM
;
_entity_poly.pdbx_strand_id   A,B
#
loop_
_chem_comp.id
_chem_comp.type
_chem_comp.name
_chem_comp.formula
ADP non-polymer ADENOSINE-5'-DIPHOSPHATE 'C10 H15 N5 O10 P2'
J0L non-polymer 3,3-dimethyl-7-(methylamino)-1H-indol-2-one 'C11 H14 N2 O'
MG non-polymer 'MAGNESIUM ION' 'Mg 2'
SO4 non-polymer 'SULFATE ION' 'O4 S -2'
#
# COMPACT_ATOMS: atom_id res chain seq x y z
N VAL A 13 3.89 -38.03 -5.99
CA VAL A 13 3.66 -37.68 -4.60
C VAL A 13 4.39 -38.66 -3.67
N PRO A 14 5.71 -38.54 -3.61
CA PRO A 14 6.50 -39.44 -2.75
C PRO A 14 6.03 -39.39 -1.30
N ARG A 15 6.32 -40.47 -0.57
CA ARG A 15 5.90 -40.56 0.82
C ARG A 15 6.61 -39.53 1.68
N GLU A 16 7.92 -39.36 1.47
CA GLU A 16 8.67 -38.40 2.28
C GLU A 16 8.12 -36.99 2.10
N VAL A 17 7.76 -36.63 0.87
CA VAL A 17 7.22 -35.30 0.61
C VAL A 17 5.93 -35.09 1.38
N GLU A 18 5.00 -36.04 1.28
CA GLU A 18 3.75 -35.93 2.02
C GLU A 18 4.01 -35.87 3.52
N HIS A 19 4.95 -36.67 4.02
CA HIS A 19 5.26 -36.67 5.44
C HIS A 19 5.76 -35.30 5.89
N PHE A 20 6.86 -34.83 5.30
CA PHE A 20 7.45 -33.57 5.74
C PHE A 20 6.62 -32.36 5.38
N SER A 21 5.70 -32.49 4.42
CA SER A 21 4.81 -31.37 4.11
C SER A 21 3.79 -31.13 5.21
N ARG A 22 3.50 -32.14 6.03
CA ARG A 22 2.59 -31.97 7.14
C ARG A 22 3.21 -31.18 8.29
N TYR A 23 4.51 -30.96 8.27
CA TYR A 23 5.14 -30.06 9.22
C TYR A 23 5.02 -28.62 8.71
N SER A 24 4.90 -27.71 9.65
CA SER A 24 4.94 -26.29 9.31
C SER A 24 6.38 -25.81 9.36
N PRO A 25 6.85 -25.05 8.36
CA PRO A 25 8.21 -24.50 8.45
C PRO A 25 8.42 -23.74 9.75
N SER A 26 9.64 -23.79 10.25
CA SER A 26 10.01 -23.12 11.50
C SER A 26 10.83 -21.89 11.16
N PRO A 27 10.27 -20.69 11.23
CA PRO A 27 11.06 -19.49 10.88
C PRO A 27 12.07 -19.17 11.96
N LEU A 28 13.27 -18.81 11.51
CA LEU A 28 14.34 -18.41 12.40
C LEU A 28 14.51 -16.90 12.37
N SER A 29 15.01 -16.35 13.47
CA SER A 29 15.36 -14.95 13.52
C SER A 29 16.79 -14.75 13.07
N MET A 30 17.08 -13.54 12.58
CA MET A 30 18.46 -13.16 12.32
C MET A 30 19.34 -13.47 13.53
N LYS A 31 18.80 -13.23 14.73
CA LYS A 31 19.54 -13.52 15.96
C LYS A 31 19.91 -14.99 16.04
N GLN A 32 18.93 -15.88 15.81
CA GLN A 32 19.21 -17.31 15.85
C GLN A 32 20.28 -17.69 14.82
N LEU A 33 20.13 -17.20 13.59
CA LEU A 33 21.08 -17.56 12.54
C LEU A 33 22.50 -17.16 12.91
N LEU A 34 22.67 -16.07 13.67
CA LEU A 34 23.99 -15.72 14.16
C LEU A 34 24.53 -16.78 15.12
N ASP A 35 23.64 -17.43 15.88
CA ASP A 35 24.08 -18.45 16.83
C ASP A 35 24.71 -19.66 16.15
N PHE A 36 24.54 -19.81 14.83
CA PHE A 36 25.21 -20.89 14.12
C PHE A 36 26.70 -20.90 14.42
N GLY A 37 27.33 -19.74 14.43
CA GLY A 37 28.74 -19.63 14.74
C GLY A 37 29.08 -20.18 16.11
N GLU A 43 27.76 -27.30 15.49
CA GLU A 43 27.51 -27.94 14.21
C GLU A 43 26.49 -29.07 14.38
N ARG A 44 26.54 -29.74 15.53
CA ARG A 44 25.61 -30.83 15.78
C ARG A 44 24.17 -30.34 15.78
N THR A 45 23.93 -29.14 16.34
CA THR A 45 22.57 -28.65 16.45
C THR A 45 22.04 -28.16 15.10
N SER A 46 22.82 -27.33 14.40
CA SER A 46 22.43 -26.91 13.07
C SER A 46 22.18 -28.10 12.16
N PHE A 47 22.97 -29.16 12.32
CA PHE A 47 22.79 -30.36 11.50
C PHE A 47 21.43 -31.00 11.76
N ALA A 48 21.11 -31.22 13.03
CA ALA A 48 19.83 -31.85 13.36
C ALA A 48 18.67 -30.96 12.91
N PHE A 49 18.82 -29.65 13.05
CA PHE A 49 17.74 -28.75 12.65
C PHE A 49 17.53 -28.75 11.14
N LEU A 50 18.62 -28.61 10.38
CA LEU A 50 18.50 -28.44 8.94
C LEU A 50 18.09 -29.74 8.25
N ARG A 51 18.56 -30.89 8.75
CA ARG A 51 18.13 -32.16 8.16
C ARG A 51 16.63 -32.36 8.32
N GLN A 52 16.02 -31.71 9.32
CA GLN A 52 14.58 -31.70 9.48
C GLN A 52 13.93 -30.54 8.74
N GLU A 53 14.46 -29.33 8.93
CA GLU A 53 13.78 -28.13 8.45
C GLU A 53 13.79 -28.03 6.94
N LEU A 54 14.92 -28.33 6.31
CA LEU A 54 15.00 -28.19 4.86
C LEU A 54 14.03 -29.14 4.16
N PRO A 55 13.95 -30.43 4.49
CA PRO A 55 12.88 -31.24 3.90
C PRO A 55 11.49 -30.69 4.15
N VAL A 56 11.22 -30.17 5.35
CA VAL A 56 9.91 -29.58 5.62
C VAL A 56 9.61 -28.46 4.63
N ARG A 57 10.56 -27.55 4.45
CA ARG A 57 10.33 -26.42 3.55
C ARG A 57 10.25 -26.87 2.11
N LEU A 58 11.11 -27.80 1.70
CA LEU A 58 11.00 -28.35 0.35
C LEU A 58 9.68 -29.09 0.17
N ALA A 59 9.26 -29.84 1.19
CA ALA A 59 8.01 -30.60 1.08
C ALA A 59 6.80 -29.68 1.02
N ASN A 60 6.82 -28.58 1.79
CA ASN A 60 5.68 -27.67 1.79
C ASN A 60 5.48 -27.04 0.41
N ILE A 61 6.57 -26.58 -0.22
CA ILE A 61 6.41 -25.93 -1.51
C ILE A 61 6.13 -26.97 -2.59
N LEU A 62 6.68 -28.18 -2.45
CA LEU A 62 6.38 -29.25 -3.41
C LEU A 62 4.89 -29.54 -3.45
N LYS A 63 4.26 -29.70 -2.29
CA LYS A 63 2.82 -29.92 -2.26
C LYS A 63 2.08 -28.75 -2.89
N GLU A 64 2.59 -27.53 -2.69
CA GLU A 64 1.94 -26.37 -3.28
C GLU A 64 2.12 -26.34 -4.80
N ILE A 65 3.21 -26.89 -5.30
CA ILE A 65 3.39 -27.01 -6.75
C ILE A 65 2.31 -27.91 -7.35
N ASP A 66 1.88 -28.93 -6.60
CA ASP A 66 0.96 -29.93 -7.13
C ASP A 66 -0.46 -29.39 -7.32
N ILE A 67 -0.80 -28.23 -6.73
CA ILE A 67 -2.11 -27.65 -6.93
C ILE A 67 -2.13 -26.60 -8.02
N LEU A 68 -0.98 -26.34 -8.65
CA LEU A 68 -0.94 -25.41 -9.77
C LEU A 68 -1.66 -26.01 -10.98
N PRO A 69 -2.00 -25.18 -11.97
CA PRO A 69 -2.61 -25.71 -13.19
C PRO A 69 -1.79 -26.84 -13.77
N THR A 70 -2.48 -27.91 -14.18
CA THR A 70 -1.79 -29.11 -14.65
C THR A 70 -0.85 -28.79 -15.81
N GLN A 71 -1.26 -27.90 -16.71
CA GLN A 71 -0.41 -27.58 -17.85
C GLN A 71 0.86 -26.86 -17.43
N LEU A 72 0.81 -26.14 -16.31
CA LEU A 72 2.02 -25.51 -15.80
C LEU A 72 2.92 -26.53 -15.12
N VAL A 73 2.34 -27.43 -14.31
CA VAL A 73 3.14 -28.42 -13.62
C VAL A 73 3.78 -29.39 -14.60
N ASN A 74 3.15 -29.62 -15.75
CA ASN A 74 3.67 -30.54 -16.75
C ASN A 74 4.74 -29.92 -17.63
N THR A 75 5.03 -28.63 -17.48
CA THR A 75 6.14 -28.05 -18.22
C THR A 75 7.44 -28.71 -17.78
N SER A 76 8.35 -28.88 -18.74
CA SER A 76 9.65 -29.45 -18.40
C SER A 76 10.32 -28.66 -17.29
N SER A 77 10.09 -27.34 -17.25
CA SER A 77 10.76 -26.50 -16.26
C SER A 77 10.24 -26.80 -14.86
N VAL A 78 8.93 -26.84 -14.68
CA VAL A 78 8.39 -27.15 -13.35
C VAL A 78 8.71 -28.59 -12.98
N GLN A 79 8.70 -29.50 -13.97
CA GLN A 79 9.09 -30.87 -13.69
C GLN A 79 10.54 -30.96 -13.24
N LEU A 80 11.42 -30.14 -13.84
CA LEU A 80 12.80 -30.07 -13.38
C LEU A 80 12.86 -29.60 -11.93
N VAL A 81 12.17 -28.50 -11.62
CA VAL A 81 12.18 -27.97 -10.26
C VAL A 81 11.69 -29.03 -9.28
N LYS A 82 10.55 -29.66 -9.59
CA LYS A 82 10.05 -30.73 -8.74
C LYS A 82 11.10 -31.82 -8.54
N SER A 83 11.71 -32.27 -9.64
CA SER A 83 12.68 -33.36 -9.53
C SER A 83 13.87 -32.95 -8.70
N TRP A 84 14.38 -31.74 -8.89
CA TRP A 84 15.48 -31.26 -8.07
C TRP A 84 15.09 -31.21 -6.61
N TYR A 85 13.97 -30.55 -6.30
CA TYR A 85 13.54 -30.43 -4.92
C TYR A 85 13.30 -31.79 -4.28
N ILE A 86 12.73 -32.73 -5.04
CA ILE A 86 12.52 -34.07 -4.51
C ILE A 86 13.85 -34.75 -4.23
N GLN A 87 14.77 -34.72 -5.20
CA GLN A 87 16.07 -35.33 -5.00
C GLN A 87 16.78 -34.71 -3.80
N SER A 88 16.75 -33.39 -3.69
CA SER A 88 17.38 -32.73 -2.55
C SER A 88 16.72 -33.15 -1.24
N LEU A 89 15.39 -33.20 -1.23
CA LEU A 89 14.69 -33.66 -0.03
C LEU A 89 15.15 -35.07 0.35
N MET A 90 15.21 -35.97 -0.64
CA MET A 90 15.63 -37.34 -0.34
C MET A 90 17.08 -37.39 0.13
N ASP A 91 17.96 -36.56 -0.45
CA ASP A 91 19.34 -36.52 -0.01
C ASP A 91 19.44 -36.09 1.45
N LEU A 92 18.58 -35.16 1.87
CA LEU A 92 18.62 -34.66 3.23
C LEU A 92 17.99 -35.64 4.21
N VAL A 93 16.89 -36.28 3.81
CA VAL A 93 16.22 -37.22 4.69
C VAL A 93 17.14 -38.39 5.04
N GLU A 94 18.06 -38.74 4.15
CA GLU A 94 18.99 -39.82 4.43
C GLU A 94 19.77 -39.57 5.71
N PHE A 95 20.03 -38.30 6.05
CA PHE A 95 20.79 -37.98 7.24
C PHE A 95 19.99 -38.15 8.53
N HIS A 96 18.69 -38.44 8.43
CA HIS A 96 17.92 -38.73 9.63
C HIS A 96 18.33 -40.05 10.27
N GLU A 97 19.04 -40.90 9.54
CA GLU A 97 19.55 -42.15 10.07
C GLU A 97 20.96 -42.01 10.66
N LYS A 98 21.54 -40.81 10.60
CA LYS A 98 22.88 -40.57 11.11
C LYS A 98 22.80 -39.84 12.45
N SER A 99 23.84 -40.00 13.26
CA SER A 99 23.86 -39.36 14.57
C SER A 99 24.43 -37.95 14.47
N PRO A 100 23.86 -36.98 15.19
CA PRO A 100 24.50 -35.65 15.23
C PRO A 100 25.91 -35.68 15.79
N ASP A 101 26.31 -36.75 16.47
CA ASP A 101 27.66 -36.90 16.98
C ASP A 101 28.61 -37.53 15.96
N ASP A 102 28.09 -38.01 14.84
CA ASP A 102 28.92 -38.60 13.78
C ASP A 102 29.61 -37.48 13.04
N GLN A 103 30.86 -37.18 13.41
CA GLN A 103 31.57 -36.06 12.82
C GLN A 103 31.69 -36.20 11.31
N LYS A 104 31.73 -37.43 10.80
CA LYS A 104 31.79 -37.61 9.35
C LYS A 104 30.44 -37.33 8.71
N ALA A 105 29.35 -37.72 9.37
CA ALA A 105 28.03 -37.38 8.86
C ALA A 105 27.83 -35.88 8.80
N LEU A 106 28.38 -35.16 9.78
CA LEU A 106 28.34 -33.69 9.73
C LEU A 106 29.10 -33.18 8.52
N SER A 107 30.28 -33.73 8.27
CA SER A 107 31.06 -33.32 7.09
C SER A 107 30.31 -33.66 5.81
N ASP A 108 29.81 -34.89 5.70
CA ASP A 108 29.03 -35.27 4.53
C ASP A 108 27.81 -34.38 4.37
N PHE A 109 27.20 -33.95 5.48
CA PHE A 109 26.02 -33.12 5.40
C PHE A 109 26.34 -31.79 4.72
N VAL A 110 27.49 -31.21 5.05
CA VAL A 110 27.90 -29.96 4.39
C VAL A 110 28.08 -30.20 2.90
N ASP A 111 28.79 -31.27 2.54
CA ASP A 111 28.95 -31.60 1.12
C ASP A 111 27.60 -31.81 0.44
N THR A 112 26.62 -32.35 1.17
CA THR A 112 25.30 -32.54 0.59
C THR A 112 24.58 -31.20 0.40
N LEU A 113 24.74 -30.27 1.35
CA LEU A 113 24.18 -28.94 1.17
C LEU A 113 24.79 -28.25 -0.03
N ILE A 114 26.10 -28.43 -0.23
CA ILE A 114 26.76 -27.88 -1.41
C ILE A 114 26.16 -28.49 -2.68
N LYS A 115 25.99 -29.81 -2.67
CA LYS A 115 25.36 -30.49 -3.81
C LYS A 115 23.95 -29.96 -4.04
N VAL A 116 23.16 -29.85 -2.97
CA VAL A 116 21.81 -29.33 -3.09
C VAL A 116 21.84 -27.90 -3.62
N ARG A 117 22.76 -27.08 -3.11
CA ARG A 117 22.86 -25.71 -3.60
C ARG A 117 23.20 -25.68 -5.08
N ASN A 118 24.13 -26.53 -5.52
CA ASN A 118 24.45 -26.61 -6.94
C ASN A 118 23.25 -27.10 -7.75
N ARG A 119 22.53 -28.09 -7.21
CA ARG A 119 21.37 -28.61 -7.93
C ARG A 119 20.28 -27.56 -8.07
N HIS A 120 20.14 -26.68 -7.08
CA HIS A 120 19.11 -25.64 -7.09
C HIS A 120 19.59 -24.35 -7.74
N HIS A 121 20.81 -24.32 -8.28
CA HIS A 121 21.40 -23.06 -8.74
C HIS A 121 20.51 -22.36 -9.76
N ASN A 122 19.85 -23.12 -10.62
CA ASN A 122 19.07 -22.57 -11.72
C ASN A 122 17.57 -22.60 -11.46
N VAL A 123 17.15 -22.68 -10.19
CA VAL A 123 15.73 -22.84 -9.89
C VAL A 123 14.95 -21.61 -10.36
N VAL A 124 15.45 -20.42 -10.06
CA VAL A 124 14.69 -19.19 -10.30
C VAL A 124 14.39 -19.04 -11.78
N PRO A 125 15.40 -19.03 -12.67
CA PRO A 125 15.08 -18.92 -14.10
C PRO A 125 14.32 -20.11 -14.64
N THR A 126 14.57 -21.31 -14.12
CA THR A 126 13.83 -22.49 -14.58
C THR A 126 12.34 -22.32 -14.28
N MET A 127 12.00 -22.08 -13.01
CA MET A 127 10.62 -21.82 -12.64
C MET A 127 10.04 -20.68 -13.48
N ALA A 128 10.79 -19.58 -13.60
CA ALA A 128 10.34 -18.47 -14.44
C ALA A 128 10.04 -18.94 -15.86
N GLN A 129 10.88 -19.82 -16.39
CA GLN A 129 10.66 -20.31 -17.76
C GLN A 129 9.34 -21.07 -17.85
N GLY A 130 9.04 -21.90 -16.85
CA GLY A 130 7.76 -22.60 -16.86
C GLY A 130 6.58 -21.66 -16.80
N ILE A 131 6.67 -20.63 -15.95
CA ILE A 131 5.58 -19.67 -15.84
C ILE A 131 5.37 -18.94 -17.16
N ILE A 132 6.45 -18.45 -17.75
CA ILE A 132 6.35 -17.73 -19.02
C ILE A 132 5.81 -18.65 -20.11
N GLU A 133 6.31 -19.89 -20.15
CA GLU A 133 5.81 -20.84 -21.13
C GLU A 133 4.32 -21.09 -20.95
N TYR A 134 3.86 -21.21 -19.71
CA TYR A 134 2.45 -21.46 -19.45
C TYR A 134 1.60 -20.25 -19.80
N LYS A 135 2.04 -19.06 -19.37
CA LYS A 135 1.27 -17.85 -19.66
C LYS A 135 1.22 -17.57 -21.15
N ASP A 136 2.35 -17.76 -21.86
CA ASP A 136 2.38 -17.45 -23.28
C ASP A 136 1.53 -18.42 -24.09
N ALA A 137 1.39 -19.66 -23.63
CA ALA A 137 0.74 -20.70 -24.42
C ALA A 137 -0.69 -20.96 -23.99
N CYS A 138 -1.06 -20.66 -22.75
CA CYS A 138 -2.35 -21.05 -22.21
C CYS A 138 -3.14 -19.84 -21.75
N THR A 139 -4.45 -20.01 -21.70
CA THR A 139 -5.33 -19.01 -21.10
C THR A 139 -5.20 -19.07 -19.59
N VAL A 140 -5.09 -17.91 -18.96
CA VAL A 140 -4.95 -17.80 -17.52
C VAL A 140 -6.11 -16.94 -17.02
N ASP A 141 -7.09 -17.58 -16.36
CA ASP A 141 -8.19 -16.85 -15.77
C ASP A 141 -7.67 -15.92 -14.68
N PRO A 142 -8.42 -14.88 -14.34
CA PRO A 142 -7.92 -13.93 -13.33
C PRO A 142 -7.59 -14.58 -12.00
N VAL A 143 -8.39 -15.55 -11.57
CA VAL A 143 -8.10 -16.24 -10.31
C VAL A 143 -6.77 -16.97 -10.41
N THR A 144 -6.55 -17.68 -11.52
CA THR A 144 -5.32 -18.43 -11.68
C THR A 144 -4.11 -17.49 -11.74
N ASN A 145 -4.26 -16.35 -12.44
CA ASN A 145 -3.16 -15.41 -12.52
C ASN A 145 -2.77 -14.89 -11.14
N GLN A 146 -3.78 -14.56 -10.31
CA GLN A 146 -3.50 -14.16 -8.95
C GLN A 146 -2.81 -15.28 -8.18
N ASN A 147 -3.29 -16.52 -8.34
CA ASN A 147 -2.69 -17.65 -7.66
C ASN A 147 -1.25 -17.86 -8.10
N LEU A 148 -0.93 -17.57 -9.35
CA LEU A 148 0.45 -17.71 -9.82
C LEU A 148 1.37 -16.71 -9.14
N GLN A 149 0.94 -15.45 -9.05
CA GLN A 149 1.73 -14.46 -8.32
C GLN A 149 1.83 -14.85 -6.85
N TYR A 150 0.73 -15.33 -6.28
CA TYR A 150 0.74 -15.82 -4.91
C TYR A 150 1.70 -16.99 -4.77
N PHE A 151 1.65 -17.94 -5.71
CA PHE A 151 2.55 -19.09 -5.64
C PHE A 151 4.00 -18.67 -5.81
N LEU A 152 4.27 -17.78 -6.76
CA LEU A 152 5.66 -17.42 -7.04
C LEU A 152 6.27 -16.64 -5.89
N ASP A 153 5.51 -15.70 -5.31
CA ASP A 153 5.97 -15.05 -4.09
C ASP A 153 6.39 -16.09 -3.05
N ARG A 154 5.56 -17.12 -2.88
CA ARG A 154 5.83 -18.12 -1.85
C ARG A 154 6.94 -19.06 -2.29
N PHE A 155 6.93 -19.48 -3.56
CA PHE A 155 7.99 -20.35 -4.05
C PHE A 155 9.36 -19.68 -3.94
N TYR A 156 9.44 -18.42 -4.37
CA TYR A 156 10.73 -17.74 -4.35
C TYR A 156 11.13 -17.36 -2.93
N MET A 157 10.17 -16.99 -2.10
CA MET A 157 10.49 -16.80 -0.68
C MET A 157 11.02 -18.11 -0.09
N ASN A 158 10.36 -19.22 -0.41
CA ASN A 158 10.82 -20.52 0.08
C ASN A 158 12.27 -20.77 -0.33
N ARG A 159 12.59 -20.53 -1.59
CA ARG A 159 13.97 -20.70 -2.04
C ARG A 159 14.92 -19.76 -1.30
N ILE A 160 14.53 -18.49 -1.18
CA ILE A 160 15.36 -17.55 -0.45
C ILE A 160 15.66 -18.10 0.93
N SER A 161 14.66 -18.71 1.57
CA SER A 161 14.84 -19.19 2.94
C SER A 161 15.72 -20.43 3.00
N THR A 162 15.51 -21.38 2.10
CA THR A 162 16.35 -22.57 2.10
C THR A 162 17.79 -22.23 1.73
N ARG A 163 17.96 -21.35 0.74
CA ARG A 163 19.31 -20.91 0.38
C ARG A 163 19.97 -20.21 1.56
N MET A 164 19.23 -19.36 2.27
CA MET A 164 19.75 -18.70 3.46
C MET A 164 20.25 -19.73 4.48
N LEU A 165 19.39 -20.69 4.83
CA LEU A 165 19.74 -21.64 5.88
C LEU A 165 20.91 -22.53 5.46
N MET A 166 20.91 -22.99 4.20
CA MET A 166 21.99 -23.86 3.75
C MET A 166 23.31 -23.12 3.68
N ASN A 167 23.30 -21.92 3.10
CA ASN A 167 24.54 -21.15 3.01
C ASN A 167 25.09 -20.82 4.39
N GLN A 168 24.20 -20.52 5.34
CA GLN A 168 24.66 -20.24 6.69
C GLN A 168 25.42 -21.44 7.26
N HIS A 169 24.91 -22.65 7.06
CA HIS A 169 25.58 -23.84 7.54
C HIS A 169 26.87 -24.10 6.77
N ILE A 170 26.81 -23.99 5.44
CA ILE A 170 28.00 -24.20 4.62
C ILE A 170 29.10 -23.21 5.00
N LEU A 171 28.76 -21.91 5.00
CA LEU A 171 29.77 -20.89 5.21
C LEU A 171 30.43 -21.02 6.58
N ILE A 172 29.71 -21.52 7.57
CA ILE A 172 30.25 -21.59 8.93
C ILE A 172 30.99 -22.90 9.17
N PHE A 173 30.48 -24.02 8.67
CA PHE A 173 30.99 -25.34 9.02
C PHE A 173 31.74 -26.03 7.88
N SER A 174 31.85 -25.40 6.71
CA SER A 174 32.57 -26.01 5.59
C SER A 174 34.07 -26.01 5.85
N ASN A 180 32.70 -15.07 4.38
CA ASN A 180 33.77 -14.16 4.76
C ASN A 180 34.08 -14.30 6.25
N PRO A 181 35.36 -14.27 6.62
CA PRO A 181 35.70 -14.41 8.05
C PRO A 181 35.10 -13.32 8.92
N SER A 182 34.94 -12.11 8.39
CA SER A 182 34.34 -11.03 9.16
C SER A 182 32.83 -11.19 9.32
N HIS A 183 32.21 -12.09 8.56
CA HIS A 183 30.79 -12.36 8.68
C HIS A 183 30.56 -13.68 9.42
N ILE A 184 29.37 -13.79 10.00
N ILE A 184 29.37 -13.79 10.00
CA ILE A 184 28.92 -15.05 10.60
CA ILE A 184 28.90 -15.04 10.60
C ILE A 184 28.05 -15.73 9.55
C ILE A 184 28.04 -15.72 9.54
N GLY A 185 28.65 -16.63 8.79
CA GLY A 185 27.97 -17.23 7.65
C GLY A 185 27.80 -16.19 6.56
N SER A 186 26.56 -15.89 6.20
CA SER A 186 26.26 -14.83 5.25
C SER A 186 25.77 -13.56 5.93
N ILE A 187 25.75 -13.52 7.26
CA ILE A 187 25.22 -12.39 8.01
C ILE A 187 26.38 -11.51 8.45
N ASP A 188 26.22 -10.19 8.27
CA ASP A 188 27.15 -9.21 8.78
C ASP A 188 26.57 -8.61 10.05
N PRO A 189 27.08 -8.95 11.24
CA PRO A 189 26.46 -8.43 12.47
C PRO A 189 26.50 -6.91 12.58
N ASN A 190 27.40 -6.26 11.86
CA ASN A 190 27.47 -4.79 11.79
C ASN A 190 27.52 -4.38 10.32
N CYS A 191 26.44 -4.69 9.60
CA CYS A 191 26.39 -4.42 8.17
C CYS A 191 26.46 -2.92 7.92
N ASP A 192 27.51 -2.49 7.22
CA ASP A 192 27.63 -1.11 6.80
C ASP A 192 26.64 -0.83 5.68
N VAL A 193 25.42 -0.43 6.05
CA VAL A 193 24.35 -0.26 5.06
C VAL A 193 24.78 0.68 3.95
N VAL A 194 25.32 1.84 4.32
CA VAL A 194 25.69 2.84 3.32
C VAL A 194 26.72 2.26 2.36
N ALA A 195 27.68 1.50 2.88
CA ALA A 195 28.67 0.86 2.02
C ALA A 195 28.00 -0.07 1.01
N VAL A 196 27.00 -0.83 1.45
CA VAL A 196 26.28 -1.73 0.55
C VAL A 196 25.54 -0.91 -0.51
N VAL A 197 24.88 0.18 -0.08
CA VAL A 197 24.18 1.04 -1.03
C VAL A 197 25.15 1.55 -2.09
N GLN A 198 26.31 2.04 -1.65
CA GLN A 198 27.28 2.58 -2.61
C GLN A 198 27.75 1.51 -3.57
N ASP A 199 28.02 0.30 -3.07
CA ASP A 199 28.50 -0.76 -3.95
C ASP A 199 27.42 -1.19 -4.93
N ALA A 200 26.20 -1.41 -4.43
CA ALA A 200 25.11 -1.80 -5.33
C ALA A 200 24.88 -0.75 -6.40
N PHE A 201 24.96 0.53 -6.03
CA PHE A 201 24.84 1.59 -7.02
C PHE A 201 25.93 1.47 -8.07
N GLU A 202 27.18 1.31 -7.64
CA GLU A 202 28.28 1.19 -8.59
C GLU A 202 28.10 -0.02 -9.50
N CYS A 203 27.65 -1.14 -8.94
N CYS A 203 27.63 -1.14 -8.94
CA CYS A 203 27.40 -2.31 -9.77
CA CYS A 203 27.39 -2.32 -9.75
C CYS A 203 26.37 -2.01 -10.85
C CYS A 203 26.36 -2.03 -10.84
N SER A 204 25.28 -1.34 -10.48
CA SER A 204 24.30 -0.93 -11.48
C SER A 204 24.90 0.11 -12.43
N ARG A 205 25.68 1.05 -11.90
CA ARG A 205 26.28 2.08 -12.73
C ARG A 205 27.14 1.46 -13.83
N MET A 206 27.84 0.36 -13.52
CA MET A 206 28.68 -0.27 -14.52
C MET A 206 27.85 -0.86 -15.66
N LEU A 207 26.78 -1.59 -15.31
N LEU A 207 26.78 -1.59 -15.31
CA LEU A 207 25.90 -2.14 -16.33
CA LEU A 207 25.91 -2.13 -16.35
C LEU A 207 25.23 -1.02 -17.13
C LEU A 207 25.22 -1.02 -17.13
N CYS A 208 24.89 0.08 -16.46
CA CYS A 208 24.24 1.19 -17.15
C CYS A 208 25.19 1.81 -18.18
N ASP A 209 26.46 2.01 -17.81
CA ASP A 209 27.42 2.56 -18.77
C ASP A 209 27.62 1.60 -19.93
N GLN A 210 27.73 0.30 -19.66
CA GLN A 210 27.96 -0.66 -20.72
C GLN A 210 26.84 -0.62 -21.75
N TYR A 211 25.61 -0.36 -21.31
CA TYR A 211 24.44 -0.37 -22.19
C TYR A 211 24.08 1.02 -22.70
N TYR A 212 24.18 2.04 -21.86
CA TYR A 212 23.80 3.39 -22.24
C TYR A 212 24.99 4.34 -22.41
N LEU A 213 26.21 3.91 -22.07
CA LEU A 213 27.40 4.74 -22.22
C LEU A 213 27.35 5.99 -21.36
N SER A 214 26.49 5.99 -20.34
N SER A 214 26.49 5.99 -20.34
CA SER A 214 26.35 7.12 -19.43
CA SER A 214 26.34 7.11 -19.43
C SER A 214 25.40 6.70 -18.31
C SER A 214 25.41 6.70 -18.31
N SER A 215 25.71 7.14 -17.09
CA SER A 215 24.94 6.74 -15.91
C SER A 215 24.77 7.93 -14.98
N PRO A 216 23.64 8.02 -14.30
CA PRO A 216 23.47 9.07 -13.28
C PRO A 216 24.44 8.87 -12.12
N GLU A 217 24.72 9.98 -11.44
CA GLU A 217 25.53 9.94 -10.24
C GLU A 217 24.65 9.67 -9.01
N LEU A 218 25.31 9.44 -7.88
CA LEU A 218 24.65 9.11 -6.63
C LEU A 218 24.74 10.30 -5.69
N LYS A 219 23.59 10.75 -5.19
CA LYS A 219 23.50 11.75 -4.13
C LYS A 219 22.96 11.01 -2.90
N LEU A 220 23.85 10.63 -2.00
CA LEU A 220 23.50 9.79 -0.86
C LEU A 220 23.50 10.64 0.41
N THR A 221 22.41 10.56 1.15
CA THR A 221 22.28 11.16 2.47
C THR A 221 22.05 10.05 3.49
N GLN A 222 22.62 10.21 4.67
CA GLN A 222 22.42 9.24 5.74
C GLN A 222 22.07 9.97 7.03
N VAL A 223 21.07 9.44 7.73
CA VAL A 223 20.59 10.00 8.98
C VAL A 223 20.44 8.84 9.95
N ASN A 224 21.11 8.93 11.09
CA ASN A 224 21.02 7.91 12.13
C ASN A 224 20.19 8.48 13.28
N GLY A 225 18.87 8.30 13.19
CA GLY A 225 18.01 8.76 14.25
C GLY A 225 18.21 8.00 15.54
N LYS A 226 18.59 6.74 15.45
CA LYS A 226 18.84 5.94 16.65
C LYS A 226 20.12 6.39 17.35
N PHE A 227 21.13 6.79 16.58
CA PHE A 227 22.40 7.26 17.13
C PHE A 227 22.89 8.41 16.26
N PRO A 228 22.47 9.63 16.55
CA PRO A 228 22.81 10.76 15.67
C PRO A 228 24.31 10.87 15.43
N ASP A 229 24.66 11.12 14.16
CA ASP A 229 26.03 11.36 13.72
C ASP A 229 26.92 10.14 13.82
N GLN A 230 26.34 8.95 14.07
CA GLN A 230 27.10 7.72 14.20
C GLN A 230 26.86 6.83 12.99
N PRO A 231 27.83 5.98 12.62
CA PRO A 231 27.64 5.14 11.43
C PRO A 231 26.43 4.23 11.58
N ILE A 232 25.76 4.01 10.45
CA ILE A 232 24.54 3.20 10.43
C ILE A 232 24.93 1.74 10.20
N HIS A 233 24.69 0.91 11.20
CA HIS A 233 24.93 -0.52 11.12
C HIS A 233 23.73 -1.28 11.67
N ILE A 234 23.37 -2.37 11.00
CA ILE A 234 22.36 -3.29 11.51
C ILE A 234 22.85 -4.70 11.21
N VAL A 235 22.24 -5.67 11.89
CA VAL A 235 22.48 -7.08 11.59
C VAL A 235 21.67 -7.44 10.36
N TYR A 236 22.35 -7.78 9.27
CA TYR A 236 21.64 -8.13 8.05
C TYR A 236 22.55 -8.95 7.14
N VAL A 237 21.92 -9.53 6.11
CA VAL A 237 22.62 -10.28 5.08
C VAL A 237 23.01 -9.31 3.98
N PRO A 238 24.27 -8.89 3.88
CA PRO A 238 24.62 -7.89 2.87
C PRO A 238 24.28 -8.31 1.45
N SER A 239 24.39 -9.60 1.13
CA SER A 239 24.06 -10.04 -0.23
C SER A 239 22.59 -9.78 -0.55
N HIS A 240 21.70 -10.07 0.40
CA HIS A 240 20.29 -9.79 0.18
C HIS A 240 20.05 -8.31 -0.02
N LEU A 241 20.62 -7.48 0.86
CA LEU A 241 20.49 -6.04 0.70
C LEU A 241 21.06 -5.58 -0.64
N HIS A 242 22.24 -6.10 -1.01
CA HIS A 242 22.81 -5.75 -2.31
C HIS A 242 21.86 -6.11 -3.43
N HIS A 243 21.24 -7.30 -3.36
N HIS A 243 21.23 -7.29 -3.35
CA HIS A 243 20.32 -7.72 -4.41
CA HIS A 243 20.32 -7.72 -4.41
C HIS A 243 19.16 -6.73 -4.56
C HIS A 243 19.16 -6.73 -4.56
N MET A 244 18.52 -6.37 -3.46
CA MET A 244 17.42 -5.41 -3.51
C MET A 244 17.87 -4.10 -4.15
N LEU A 245 18.91 -3.49 -3.60
CA LEU A 245 19.35 -2.19 -4.07
C LEU A 245 19.80 -2.25 -5.53
N PHE A 246 20.52 -3.30 -5.91
CA PHE A 246 20.99 -3.43 -7.28
C PHE A 246 19.82 -3.37 -8.26
N GLU A 247 18.75 -4.12 -7.98
CA GLU A 247 17.59 -4.11 -8.87
C GLU A 247 16.93 -2.73 -8.89
N LEU A 248 16.76 -2.11 -7.72
CA LEU A 248 16.14 -0.80 -7.68
C LEU A 248 17.00 0.23 -8.41
N PHE A 249 18.32 0.13 -8.29
CA PHE A 249 19.20 1.06 -8.98
C PHE A 249 19.16 0.85 -10.49
N LYS A 250 19.13 -0.41 -10.93
CA LYS A 250 19.02 -0.68 -12.36
C LYS A 250 17.79 0.00 -12.95
N ASN A 251 16.64 -0.14 -12.28
CA ASN A 251 15.42 0.48 -12.77
C ASN A 251 15.51 2.00 -12.70
N ALA A 252 16.01 2.54 -11.59
CA ALA A 252 16.17 3.98 -11.48
C ALA A 252 17.08 4.53 -12.57
N MET A 253 18.17 3.80 -12.88
CA MET A 253 19.11 4.28 -13.89
C MET A 253 18.54 4.10 -15.29
N ARG A 254 17.89 2.96 -15.55
CA ARG A 254 17.26 2.76 -16.85
C ARG A 254 16.17 3.80 -17.11
N ALA A 255 15.40 4.14 -16.07
CA ALA A 255 14.34 5.13 -16.23
C ALA A 255 14.93 6.53 -16.38
N THR A 256 16.00 6.83 -15.64
CA THR A 256 16.59 8.16 -15.72
C THR A 256 17.19 8.43 -17.10
N VAL A 257 17.90 7.44 -17.66
CA VAL A 257 18.56 7.65 -18.94
C VAL A 257 17.54 7.67 -20.07
N GLU A 258 16.59 6.72 -20.06
CA GLU A 258 15.60 6.67 -21.12
C GLU A 258 14.69 7.89 -21.07
N HIS A 259 14.27 8.31 -19.87
CA HIS A 259 13.43 9.49 -19.73
C HIS A 259 14.17 10.75 -20.13
N GLN A 260 15.49 10.77 -19.96
CA GLN A 260 16.28 11.96 -20.23
C GLN A 260 17.32 11.69 -21.32
N LEU A 266 21.96 14.14 -17.02
CA LEU A 266 21.21 13.15 -16.26
C LEU A 266 21.05 13.60 -14.81
N THR A 267 19.80 13.56 -14.33
CA THR A 267 19.56 13.88 -12.92
C THR A 267 20.12 12.77 -12.03
N PRO A 268 20.72 13.11 -10.90
CA PRO A 268 21.31 12.08 -10.04
C PRO A 268 20.25 11.31 -9.27
N ILE A 269 20.50 10.01 -9.11
CA ILE A 269 19.63 9.17 -8.29
C ILE A 269 19.88 9.53 -6.83
N GLU A 270 18.85 10.00 -6.15
CA GLU A 270 18.95 10.43 -4.76
C GLU A 270 18.61 9.27 -3.84
N VAL A 271 19.50 8.97 -2.90
CA VAL A 271 19.30 7.91 -1.94
C VAL A 271 19.45 8.51 -0.54
N ILE A 272 18.56 8.11 0.37
CA ILE A 272 18.67 8.48 1.76
C ILE A 272 18.57 7.22 2.59
N VAL A 273 19.52 7.04 3.51
CA VAL A 273 19.56 5.89 4.40
C VAL A 273 19.26 6.40 5.80
N VAL A 274 18.24 5.83 6.43
CA VAL A 274 17.77 6.30 7.73
C VAL A 274 17.67 5.11 8.67
N LEU A 275 18.21 5.26 9.87
CA LEU A 275 18.09 4.26 10.92
C LEU A 275 17.24 4.85 12.03
N GLY A 276 16.03 4.30 12.20
CA GLY A 276 15.16 4.64 13.30
C GLY A 276 15.27 3.64 14.44
N LYS A 277 14.40 3.82 15.43
CA LYS A 277 14.39 2.92 16.58
C LYS A 277 14.16 1.48 16.14
N GLU A 278 13.13 1.26 15.33
CA GLU A 278 12.72 -0.08 14.95
C GLU A 278 13.07 -0.45 13.52
N ASP A 279 13.36 0.52 12.65
CA ASP A 279 13.44 0.28 11.22
C ASP A 279 14.69 0.92 10.63
N LEU A 280 15.27 0.23 9.67
CA LEU A 280 16.29 0.78 8.80
C LEU A 280 15.62 1.04 7.45
N THR A 281 15.59 2.29 7.04
CA THR A 281 14.86 2.69 5.84
C THR A 281 15.82 3.22 4.80
N ILE A 282 15.65 2.77 3.56
CA ILE A 282 16.41 3.26 2.42
C ILE A 282 15.41 3.70 1.36
N LYS A 283 15.48 4.96 0.97
CA LYS A 283 14.63 5.51 -0.08
C LYS A 283 15.50 5.88 -1.26
N ILE A 284 15.19 5.31 -2.43
CA ILE A 284 15.86 5.61 -3.68
C ILE A 284 14.90 6.40 -4.55
N SER A 285 15.36 7.55 -5.06
CA SER A 285 14.53 8.44 -5.84
C SER A 285 15.24 8.78 -7.15
N ASP A 286 14.47 8.78 -8.24
CA ASP A 286 14.97 9.20 -9.54
C ASP A 286 13.99 10.18 -10.16
N ARG A 287 14.39 10.74 -11.30
CA ARG A 287 13.50 11.58 -12.10
C ARG A 287 13.36 10.97 -13.48
N GLY A 288 13.07 9.67 -13.52
CA GLY A 288 12.96 8.94 -14.78
C GLY A 288 11.57 8.92 -15.36
N GLY A 289 10.78 9.96 -15.08
CA GLY A 289 9.47 10.11 -15.67
C GLY A 289 8.37 9.33 -15.00
N GLY A 290 8.70 8.37 -14.15
CA GLY A 290 7.68 7.64 -13.41
C GLY A 290 6.83 6.74 -14.29
N VAL A 291 5.83 6.16 -13.65
CA VAL A 291 4.91 5.22 -14.31
C VAL A 291 3.51 5.47 -13.77
N PRO A 292 2.46 5.33 -14.58
CA PRO A 292 1.10 5.48 -14.05
C PRO A 292 0.81 4.51 -12.92
N LEU A 293 0.03 4.98 -11.95
CA LEU A 293 -0.33 4.13 -10.82
C LEU A 293 -1.00 2.85 -11.27
N ARG A 294 -1.72 2.89 -12.39
CA ARG A 294 -2.38 1.69 -12.91
C ARG A 294 -1.38 0.57 -13.17
N ILE A 295 -0.14 0.92 -13.53
CA ILE A 295 0.86 -0.06 -13.92
C ILE A 295 1.84 -0.37 -12.79
N ILE A 296 1.80 0.38 -11.69
CA ILE A 296 2.77 0.16 -10.62
C ILE A 296 2.67 -1.26 -10.09
N ASP A 297 1.46 -1.79 -9.98
CA ASP A 297 1.29 -3.15 -9.48
C ASP A 297 1.89 -4.18 -10.42
N ARG A 298 1.81 -3.94 -11.74
CA ARG A 298 2.36 -4.88 -12.69
C ARG A 298 3.87 -5.05 -12.55
N LEU A 299 4.55 -4.06 -11.95
CA LEU A 299 5.99 -4.19 -11.75
C LEU A 299 6.34 -5.37 -10.86
N PHE A 300 5.45 -5.71 -9.92
CA PHE A 300 5.69 -6.82 -9.01
C PHE A 300 4.98 -8.10 -9.44
N SER A 301 4.46 -8.14 -10.65
CA SER A 301 3.94 -9.36 -11.23
C SER A 301 5.07 -10.13 -11.91
N TYR A 302 4.89 -11.43 -12.03
CA TYR A 302 5.90 -12.28 -12.66
C TYR A 302 5.56 -12.53 -14.12
N GLY A 324 11.28 -9.78 -15.84
CA GLY A 324 10.41 -9.01 -14.96
C GLY A 324 10.29 -9.60 -13.58
N TYR A 325 11.33 -10.33 -13.16
CA TYR A 325 11.33 -10.99 -11.86
C TYR A 325 12.19 -10.27 -10.83
N GLY A 326 13.08 -9.37 -11.27
CA GLY A 326 13.99 -8.71 -10.34
C GLY A 326 13.26 -7.94 -9.25
N LEU A 327 12.28 -7.12 -9.65
CA LEU A 327 11.58 -6.31 -8.66
C LEU A 327 10.75 -7.16 -7.71
N PRO A 328 9.91 -8.10 -8.17
CA PRO A 328 9.17 -8.92 -7.21
C PRO A 328 10.08 -9.73 -6.29
N ILE A 329 11.16 -10.29 -6.82
CA ILE A 329 12.09 -11.03 -5.97
C ILE A 329 12.80 -10.08 -4.99
N SER A 330 13.15 -8.89 -5.47
CA SER A 330 13.74 -7.90 -4.57
C SER A 330 12.83 -7.63 -3.38
N ARG A 331 11.52 -7.48 -3.64
CA ARG A 331 10.59 -7.24 -2.54
C ARG A 331 10.53 -8.44 -1.62
N LEU A 332 10.62 -9.66 -2.18
CA LEU A 332 10.66 -10.84 -1.33
C LEU A 332 11.86 -10.81 -0.39
N TYR A 333 13.03 -10.42 -0.91
CA TYR A 333 14.19 -10.26 -0.04
C TYR A 333 13.91 -9.30 1.09
N ALA A 334 13.24 -8.18 0.80
CA ALA A 334 12.94 -7.20 1.83
C ALA A 334 11.97 -7.78 2.86
N LYS A 335 10.96 -8.50 2.40
CA LYS A 335 9.96 -9.07 3.31
C LYS A 335 10.45 -10.33 4.01
N TYR A 336 11.54 -10.94 3.53
CA TYR A 336 12.00 -12.20 4.09
C TYR A 336 12.23 -12.10 5.60
N PHE A 337 12.89 -11.04 6.05
CA PHE A 337 13.12 -10.80 7.47
C PHE A 337 12.20 -9.69 8.00
N GLN A 338 10.94 -9.73 7.58
CA GLN A 338 9.88 -8.84 8.08
C GLN A 338 10.05 -7.40 7.63
N GLY A 339 10.82 -7.16 6.58
CA GLY A 339 10.93 -5.86 5.98
C GLY A 339 9.85 -5.65 4.94
N ASP A 340 10.09 -4.67 4.08
CA ASP A 340 9.17 -4.46 2.98
C ASP A 340 9.88 -3.65 1.91
N LEU A 341 9.27 -3.63 0.72
CA LEU A 341 9.79 -2.86 -0.41
C LEU A 341 8.58 -2.28 -1.12
N ASN A 342 8.45 -0.97 -1.08
CA ASN A 342 7.35 -0.27 -1.70
C ASN A 342 7.86 0.64 -2.81
N LEU A 343 7.04 0.80 -3.85
CA LEU A 343 7.30 1.74 -4.93
C LEU A 343 6.15 2.72 -5.00
N TYR A 344 6.46 4.00 -5.03
CA TYR A 344 5.46 5.02 -5.32
C TYR A 344 6.05 5.96 -6.37
N SER A 345 5.38 6.04 -7.51
CA SER A 345 5.86 6.77 -8.66
C SER A 345 4.99 8.01 -8.87
N LEU A 346 5.61 9.06 -9.38
CA LEU A 346 4.94 10.28 -9.79
C LEU A 346 5.00 10.29 -11.31
N SER A 347 3.97 9.73 -11.95
CA SER A 347 3.93 9.66 -13.40
C SER A 347 4.14 11.04 -14.00
N GLY A 348 5.20 11.17 -14.80
CA GLY A 348 5.59 12.42 -15.40
C GLY A 348 6.80 13.07 -14.76
N TYR A 349 7.29 12.53 -13.64
CA TYR A 349 8.39 13.15 -12.92
C TYR A 349 9.46 12.11 -12.55
N GLY A 350 9.09 11.14 -11.74
CA GLY A 350 10.06 10.16 -11.28
C GLY A 350 9.42 9.16 -10.35
N THR A 351 10.26 8.34 -9.73
CA THR A 351 9.79 7.24 -8.89
C THR A 351 10.63 7.16 -7.63
N ASP A 352 9.96 6.88 -6.52
CA ASP A 352 10.61 6.60 -5.25
C ASP A 352 10.46 5.12 -4.92
N ALA A 353 11.57 4.48 -4.56
CA ALA A 353 11.56 3.14 -4.01
C ALA A 353 12.06 3.22 -2.57
N ILE A 354 11.34 2.60 -1.66
CA ILE A 354 11.67 2.63 -0.24
C ILE A 354 11.80 1.19 0.25
N ILE A 355 12.96 0.88 0.84
CA ILE A 355 13.20 -0.41 1.47
C ILE A 355 13.05 -0.24 2.97
N TYR A 356 12.30 -1.13 3.59
CA TYR A 356 12.16 -1.19 5.04
C TYR A 356 12.83 -2.47 5.52
N LEU A 357 13.79 -2.33 6.43
CA LEU A 357 14.41 -3.46 7.10
C LEU A 357 14.25 -3.28 8.61
N LYS A 358 14.03 -4.38 9.31
CA LYS A 358 14.00 -4.34 10.76
C LYS A 358 15.39 -4.01 11.29
N ALA A 359 15.46 -3.03 12.19
CA ALA A 359 16.73 -2.64 12.78
C ALA A 359 17.17 -3.57 13.90
N LEU A 360 16.30 -4.46 14.37
CA LEU A 360 16.61 -5.38 15.44
C LEU A 360 16.64 -6.80 14.89
N SER A 361 17.71 -7.53 15.20
CA SER A 361 17.83 -8.90 14.72
C SER A 361 16.76 -9.80 15.34
N SER A 362 16.34 -9.50 16.57
CA SER A 362 15.33 -10.33 17.23
C SER A 362 14.00 -10.27 16.49
N GLU A 363 13.69 -9.14 15.88
CA GLU A 363 12.47 -8.99 15.10
C GLU A 363 12.65 -9.35 13.64
N SER A 364 13.89 -9.57 13.19
CA SER A 364 14.18 -9.98 11.82
C SER A 364 13.94 -11.48 11.72
N ILE A 365 12.67 -11.85 11.57
CA ILE A 365 12.24 -13.25 11.59
C ILE A 365 11.81 -13.65 10.19
N GLU A 366 12.22 -14.85 9.79
CA GLU A 366 11.87 -15.36 8.47
C GLU A 366 10.36 -15.26 8.24
N LYS A 367 10.00 -14.76 7.06
CA LYS A 367 8.61 -14.73 6.62
C LYS A 367 8.44 -15.90 5.66
N LEU A 368 7.94 -17.02 6.18
CA LEU A 368 7.95 -18.27 5.44
C LEU A 368 6.55 -18.64 4.98
N PRO A 369 6.39 -19.12 3.75
CA PRO A 369 5.10 -19.67 3.34
C PRO A 369 4.89 -21.06 3.92
N VAL A 370 3.65 -21.33 4.30
CA VAL A 370 3.24 -22.63 4.84
C VAL A 370 2.11 -23.15 3.98
N PHE A 371 2.21 -24.41 3.57
CA PHE A 371 1.13 -25.05 2.82
C PHE A 371 0.19 -25.73 3.81
N ASN A 372 -0.72 -24.94 4.35
CA ASN A 372 -1.74 -25.39 5.28
C ASN A 372 -3.12 -25.06 4.71
N LYS A 373 -4.16 -25.30 5.52
CA LYS A 373 -5.52 -25.07 5.06
C LYS A 373 -5.70 -23.63 4.59
N SER A 374 -5.10 -22.66 5.29
CA SER A 374 -5.25 -21.27 4.90
C SER A 374 -4.71 -21.02 3.50
N ALA A 375 -3.51 -21.53 3.21
CA ALA A 375 -2.93 -21.37 1.88
C ALA A 375 -3.82 -22.02 0.82
N PHE A 376 -4.21 -23.27 1.04
CA PHE A 376 -5.07 -23.96 0.09
C PHE A 376 -6.40 -23.22 -0.09
N LYS A 377 -6.88 -22.55 0.95
CA LYS A 377 -8.12 -21.78 0.83
C LYS A 377 -7.89 -20.52 0.01
N HIS A 378 -6.73 -19.89 0.15
CA HIS A 378 -6.43 -18.70 -0.63
C HIS A 378 -6.49 -19.00 -2.13
N TYR A 379 -6.07 -20.20 -2.52
CA TYR A 379 -6.15 -20.59 -3.93
C TYR A 379 -7.59 -20.72 -4.38
N GLN A 380 -8.43 -21.37 -3.57
CA GLN A 380 -9.84 -21.53 -3.93
C GLN A 380 -10.52 -20.18 -4.08
N MET A 381 -10.14 -19.21 -3.27
CA MET A 381 -10.72 -17.86 -3.34
C MET A 381 -10.65 -17.31 -4.76
N ASP A 387 -17.96 -6.43 -2.52
CA ASP A 387 -18.05 -5.50 -1.40
C ASP A 387 -18.10 -4.06 -1.90
N TRP A 388 -17.33 -3.78 -2.95
CA TRP A 388 -17.25 -2.46 -3.57
C TRP A 388 -17.60 -2.56 -5.04
N CYS A 389 -18.28 -1.54 -5.56
CA CYS A 389 -18.61 -1.47 -6.97
C CYS A 389 -17.37 -1.07 -7.78
N ILE A 390 -17.21 -1.70 -8.94
CA ILE A 390 -16.09 -1.40 -9.82
C ILE A 390 -16.59 -1.02 -11.20
N VAL B 13 -35.94 -2.79 10.29
CA VAL B 13 -35.71 -2.07 9.05
C VAL B 13 -37.04 -1.89 8.31
N PRO B 14 -37.42 -0.63 8.02
CA PRO B 14 -38.63 -0.41 7.23
C PRO B 14 -38.57 -1.10 5.88
N ARG B 15 -39.74 -1.38 5.32
CA ARG B 15 -39.80 -2.06 4.03
C ARG B 15 -38.98 -1.34 2.98
N GLU B 16 -39.04 0.00 2.97
CA GLU B 16 -38.29 0.75 1.96
C GLU B 16 -36.81 0.46 2.05
N VAL B 17 -36.27 0.33 3.27
CA VAL B 17 -34.86 0.03 3.44
C VAL B 17 -34.54 -1.36 2.89
N GLU B 18 -35.34 -2.35 3.27
CA GLU B 18 -35.12 -3.70 2.77
C GLU B 18 -35.17 -3.74 1.25
N HIS B 19 -36.18 -3.07 0.66
CA HIS B 19 -36.33 -3.10 -0.79
C HIS B 19 -35.16 -2.43 -1.48
N PHE B 20 -34.89 -1.16 -1.15
CA PHE B 20 -33.87 -0.41 -1.87
C PHE B 20 -32.46 -0.89 -1.56
N SER B 21 -32.26 -1.60 -0.45
CA SER B 21 -30.95 -2.18 -0.19
C SER B 21 -30.64 -3.34 -1.12
N ARG B 22 -31.66 -3.91 -1.78
CA ARG B 22 -31.41 -4.99 -2.74
C ARG B 22 -30.70 -4.48 -3.98
N TYR B 23 -30.84 -3.21 -4.30
CA TYR B 23 -30.18 -2.64 -5.46
C TYR B 23 -28.73 -2.31 -5.14
N SER B 24 -27.89 -2.40 -6.17
CA SER B 24 -26.52 -1.97 -5.99
C SER B 24 -26.39 -0.49 -6.35
N PRO B 25 -25.60 0.28 -5.60
CA PRO B 25 -25.35 1.67 -6.01
C PRO B 25 -24.83 1.72 -7.45
N SER B 26 -25.15 2.80 -8.14
CA SER B 26 -24.71 3.01 -9.51
C SER B 26 -23.63 4.08 -9.52
N PRO B 27 -22.36 3.71 -9.57
CA PRO B 27 -21.31 4.74 -9.54
C PRO B 27 -21.34 5.59 -10.79
N LEU B 28 -21.13 6.90 -10.60
CA LEU B 28 -21.03 7.84 -11.69
C LEU B 28 -19.59 8.31 -11.83
N SER B 29 -19.21 8.67 -13.05
CA SER B 29 -17.94 9.32 -13.26
C SER B 29 -18.06 10.81 -12.98
N MET B 30 -16.92 11.45 -12.76
CA MET B 30 -16.91 12.90 -12.61
C MET B 30 -17.38 13.58 -13.90
N LYS B 31 -17.09 12.98 -15.05
CA LYS B 31 -17.60 13.51 -16.31
C LYS B 31 -19.12 13.49 -16.32
N GLN B 32 -19.72 12.38 -15.89
CA GLN B 32 -21.18 12.31 -15.82
C GLN B 32 -21.74 13.33 -14.84
N LEU B 33 -21.08 13.53 -13.71
CA LEU B 33 -21.53 14.52 -12.75
C LEU B 33 -21.41 15.93 -13.32
N LEU B 34 -20.37 16.19 -14.10
CA LEU B 34 -20.29 17.45 -14.82
C LEU B 34 -21.43 17.59 -15.80
N ASP B 35 -21.70 16.52 -16.57
CA ASP B 35 -22.73 16.58 -17.59
C ASP B 35 -24.10 16.92 -17.03
N PHE B 36 -24.34 16.69 -15.75
CA PHE B 36 -25.59 17.12 -15.14
C PHE B 36 -25.75 18.63 -15.21
N GLY B 37 -24.64 19.36 -15.26
CA GLY B 37 -24.65 20.80 -15.42
C GLY B 37 -24.52 21.28 -16.85
N SER B 38 -24.60 20.37 -17.82
CA SER B 38 -24.51 20.75 -19.23
C SER B 38 -25.60 21.77 -19.59
N GLU B 43 -32.55 18.98 -15.76
CA GLU B 43 -32.86 18.83 -14.34
C GLU B 43 -33.66 17.55 -14.09
N ARG B 44 -34.63 17.28 -14.96
CA ARG B 44 -35.43 16.08 -14.82
C ARG B 44 -34.56 14.82 -14.84
N THR B 45 -33.44 14.87 -15.57
CA THR B 45 -32.56 13.70 -15.66
C THR B 45 -31.88 13.44 -14.33
N SER B 46 -31.36 14.50 -13.69
CA SER B 46 -30.74 14.33 -12.37
C SER B 46 -31.78 13.95 -11.32
N PHE B 47 -32.97 14.56 -11.40
CA PHE B 47 -34.05 14.20 -10.49
C PHE B 47 -34.39 12.72 -10.63
N ALA B 48 -34.58 12.25 -11.86
CA ALA B 48 -34.93 10.85 -12.07
C ALA B 48 -33.87 9.92 -11.50
N PHE B 49 -32.59 10.29 -11.65
CA PHE B 49 -31.51 9.45 -11.13
C PHE B 49 -31.48 9.48 -9.60
N LEU B 50 -31.45 10.69 -9.03
CA LEU B 50 -31.20 10.82 -7.59
C LEU B 50 -32.35 10.26 -6.77
N ARG B 51 -33.59 10.51 -7.18
CA ARG B 51 -34.72 9.99 -6.42
C ARG B 51 -34.67 8.48 -6.28
N GLN B 52 -33.97 7.79 -7.18
CA GLN B 52 -33.74 6.36 -7.08
C GLN B 52 -32.39 6.04 -6.46
N GLU B 53 -31.32 6.73 -6.89
CA GLU B 53 -29.97 6.36 -6.45
C GLU B 53 -29.76 6.68 -4.98
N LEU B 54 -30.27 7.81 -4.51
CA LEU B 54 -30.01 8.18 -3.12
C LEU B 54 -30.69 7.21 -2.16
N PRO B 55 -31.96 6.84 -2.33
CA PRO B 55 -32.52 5.78 -1.47
C PRO B 55 -31.73 4.50 -1.54
N VAL B 56 -31.26 4.11 -2.73
CA VAL B 56 -30.47 2.88 -2.85
C VAL B 56 -29.21 2.99 -2.00
N ARG B 57 -28.53 4.13 -2.08
CA ARG B 57 -27.29 4.30 -1.32
C ARG B 57 -27.56 4.39 0.18
N LEU B 58 -28.59 5.14 0.57
CA LEU B 58 -28.97 5.19 1.98
C LEU B 58 -29.38 3.81 2.48
N ALA B 59 -30.13 3.08 1.66
CA ALA B 59 -30.60 1.76 2.06
C ALA B 59 -29.44 0.78 2.21
N ASN B 60 -28.48 0.83 1.29
CA ASN B 60 -27.33 -0.08 1.39
C ASN B 60 -26.59 0.11 2.71
N ILE B 61 -26.29 1.36 3.07
CA ILE B 61 -25.52 1.59 4.28
C ILE B 61 -26.39 1.38 5.51
N LEU B 62 -27.69 1.66 5.41
CA LEU B 62 -28.59 1.39 6.55
C LEU B 62 -28.59 -0.09 6.91
N LYS B 63 -28.47 -0.98 5.92
CA LYS B 63 -28.41 -2.40 6.22
C LYS B 63 -27.13 -2.76 6.97
N GLU B 64 -26.01 -2.15 6.58
CA GLU B 64 -24.74 -2.45 7.26
C GLU B 64 -24.72 -1.89 8.68
N ILE B 65 -25.42 -0.78 8.93
CA ILE B 65 -25.47 -0.23 10.27
C ILE B 65 -26.01 -1.26 11.26
N ASP B 66 -26.92 -2.12 10.80
CA ASP B 66 -27.48 -3.14 11.69
C ASP B 66 -26.45 -4.21 12.04
N ILE B 67 -25.48 -4.46 11.15
CA ILE B 67 -24.49 -5.49 11.42
C ILE B 67 -23.52 -5.07 12.52
N LEU B 68 -23.44 -3.78 12.81
CA LEU B 68 -22.49 -3.28 13.80
C LEU B 68 -22.72 -3.94 15.16
N PRO B 69 -21.73 -3.89 16.04
CA PRO B 69 -21.92 -4.46 17.38
C PRO B 69 -23.05 -3.75 18.12
N THR B 70 -23.77 -4.53 18.93
CA THR B 70 -24.94 -4.00 19.63
C THR B 70 -24.58 -2.79 20.47
N GLN B 71 -23.39 -2.79 21.08
CA GLN B 71 -23.01 -1.67 21.93
C GLN B 71 -22.84 -0.38 21.13
N LEU B 72 -22.53 -0.49 19.84
CA LEU B 72 -22.34 0.70 19.03
C LEU B 72 -23.63 1.18 18.37
N VAL B 73 -24.44 0.27 17.85
CA VAL B 73 -25.70 0.68 17.22
C VAL B 73 -26.61 1.34 18.25
N ASN B 74 -26.63 0.81 19.48
CA ASN B 74 -27.51 1.34 20.50
C ASN B 74 -27.07 2.69 21.03
N THR B 75 -25.90 3.19 20.64
CA THR B 75 -25.51 4.53 21.03
C THR B 75 -26.50 5.54 20.47
N SER B 76 -26.87 6.51 21.30
CA SER B 76 -27.77 7.56 20.82
C SER B 76 -27.26 8.19 19.54
N SER B 77 -25.93 8.29 19.39
CA SER B 77 -25.37 8.91 18.19
C SER B 77 -25.68 8.10 16.94
N VAL B 78 -25.39 6.79 16.98
CA VAL B 78 -25.64 5.96 15.80
C VAL B 78 -27.13 5.83 15.55
N GLN B 79 -27.93 5.70 16.60
CA GLN B 79 -29.38 5.64 16.42
C GLN B 79 -29.89 6.92 15.76
N LEU B 80 -29.33 8.07 16.14
CA LEU B 80 -29.72 9.32 15.49
C LEU B 80 -29.37 9.28 14.00
N VAL B 81 -28.12 8.94 13.68
CA VAL B 81 -27.71 8.85 12.29
C VAL B 81 -28.63 7.91 11.52
N LYS B 82 -28.91 6.74 12.10
CA LYS B 82 -29.83 5.81 11.46
C LYS B 82 -31.20 6.44 11.25
N SER B 83 -31.70 7.16 12.27
CA SER B 83 -33.01 7.79 12.14
C SER B 83 -33.00 8.89 11.07
N TRP B 84 -31.89 9.62 10.96
CA TRP B 84 -31.77 10.64 9.93
C TRP B 84 -31.77 10.01 8.54
N TYR B 85 -30.93 8.99 8.34
CA TYR B 85 -30.88 8.34 7.03
C TYR B 85 -32.21 7.73 6.67
N ILE B 86 -32.91 7.13 7.63
CA ILE B 86 -34.22 6.57 7.35
C ILE B 86 -35.18 7.66 6.89
N GLN B 87 -35.21 8.78 7.63
CA GLN B 87 -36.13 9.85 7.28
C GLN B 87 -35.78 10.43 5.91
N SER B 88 -34.49 10.62 5.63
CA SER B 88 -34.08 11.12 4.33
C SER B 88 -34.43 10.13 3.23
N LEU B 89 -34.26 8.83 3.50
CA LEU B 89 -34.69 7.83 2.54
C LEU B 89 -36.19 7.96 2.27
N MET B 90 -36.99 8.15 3.32
CA MET B 90 -38.43 8.29 3.13
C MET B 90 -38.76 9.57 2.40
N ASP B 91 -38.08 10.68 2.74
CA ASP B 91 -38.31 11.93 2.03
C ASP B 91 -38.11 11.76 0.54
N LEU B 92 -37.08 11.01 0.14
CA LEU B 92 -36.74 10.87 -1.26
C LEU B 92 -37.68 9.90 -1.98
N VAL B 93 -38.09 8.83 -1.30
CA VAL B 93 -39.02 7.87 -1.89
C VAL B 93 -40.38 8.51 -2.13
N GLU B 94 -40.72 9.57 -1.38
CA GLU B 94 -41.97 10.28 -1.63
C GLU B 94 -42.05 10.79 -3.07
N PHE B 95 -40.91 10.99 -3.73
CA PHE B 95 -40.88 11.54 -5.08
C PHE B 95 -40.98 10.47 -6.17
N HIS B 96 -40.97 9.19 -5.81
CA HIS B 96 -41.05 8.14 -6.82
C HIS B 96 -42.34 8.18 -7.63
N GLU B 97 -43.41 8.75 -7.06
CA GLU B 97 -44.66 8.85 -7.81
C GLU B 97 -44.68 10.05 -8.74
N LYS B 98 -43.92 11.09 -8.43
CA LYS B 98 -43.97 12.32 -9.20
C LYS B 98 -43.38 12.12 -10.59
N SER B 99 -43.85 12.91 -11.54
CA SER B 99 -43.32 12.89 -12.89
C SER B 99 -42.11 13.82 -13.00
N PRO B 100 -41.04 13.40 -13.68
CA PRO B 100 -39.90 14.33 -13.84
C PRO B 100 -40.27 15.62 -14.56
N ASP B 101 -41.40 15.66 -15.25
CA ASP B 101 -41.85 16.89 -15.89
C ASP B 101 -42.56 17.83 -14.94
N ASP B 102 -43.00 17.33 -13.79
CA ASP B 102 -43.69 18.14 -12.78
C ASP B 102 -42.69 19.14 -12.22
N GLN B 103 -42.72 20.37 -12.73
CA GLN B 103 -41.76 21.38 -12.30
C GLN B 103 -41.85 21.63 -10.80
N LYS B 104 -43.04 21.53 -10.22
CA LYS B 104 -43.18 21.70 -8.78
C LYS B 104 -42.50 20.56 -8.03
N ALA B 105 -42.59 19.34 -8.57
CA ALA B 105 -41.86 18.22 -7.97
C ALA B 105 -40.36 18.46 -8.01
N LEU B 106 -39.86 18.97 -9.13
CA LEU B 106 -38.44 19.28 -9.22
C LEU B 106 -38.03 20.33 -8.20
N SER B 107 -38.84 21.38 -8.05
CA SER B 107 -38.55 22.40 -7.05
C SER B 107 -38.62 21.80 -5.64
N ASP B 108 -39.69 21.06 -5.34
CA ASP B 108 -39.79 20.41 -4.05
C ASP B 108 -38.64 19.45 -3.83
N PHE B 109 -38.16 18.80 -4.89
CA PHE B 109 -37.04 17.87 -4.74
C PHE B 109 -35.78 18.60 -4.32
N VAL B 110 -35.53 19.77 -4.89
CA VAL B 110 -34.41 20.60 -4.45
C VAL B 110 -34.57 20.94 -2.97
N ASP B 111 -35.75 21.41 -2.57
CA ASP B 111 -36.01 21.71 -1.17
C ASP B 111 -35.75 20.50 -0.29
N THR B 112 -36.13 19.31 -0.78
CA THR B 112 -35.90 18.10 0.00
C THR B 112 -34.42 17.77 0.10
N LEU B 113 -33.68 17.92 -1.01
CA LEU B 113 -32.23 17.68 -0.94
C LEU B 113 -31.58 18.65 0.04
N ILE B 114 -31.99 19.92 0.02
CA ILE B 114 -31.45 20.88 0.98
C ILE B 114 -31.78 20.45 2.40
N LYS B 115 -33.01 19.97 2.61
CA LYS B 115 -33.40 19.49 3.93
C LYS B 115 -32.57 18.27 4.33
N VAL B 116 -32.37 17.34 3.41
CA VAL B 116 -31.56 16.16 3.71
C VAL B 116 -30.10 16.54 3.95
N ARG B 117 -29.58 17.45 3.12
CA ARG B 117 -28.21 17.94 3.33
C ARG B 117 -28.05 18.54 4.71
N ASN B 118 -28.98 19.41 5.10
CA ASN B 118 -28.90 20.04 6.42
C ASN B 118 -29.06 19.00 7.53
N ARG B 119 -29.96 18.03 7.32
CA ARG B 119 -30.15 16.98 8.31
C ARG B 119 -28.89 16.14 8.48
N HIS B 120 -28.17 15.91 7.37
CA HIS B 120 -26.95 15.10 7.39
C HIS B 120 -25.71 15.90 7.72
N HIS B 121 -25.83 17.21 7.93
CA HIS B 121 -24.66 18.05 8.10
C HIS B 121 -23.78 17.57 9.25
N ASN B 122 -24.39 17.06 10.32
CA ASN B 122 -23.66 16.64 11.52
C ASN B 122 -23.54 15.13 11.63
N VAL B 123 -23.54 14.42 10.50
CA VAL B 123 -23.44 12.96 10.55
C VAL B 123 -22.05 12.53 11.02
N VAL B 124 -21.01 13.09 10.42
CA VAL B 124 -19.64 12.68 10.74
C VAL B 124 -19.36 12.91 12.22
N PRO B 125 -19.51 14.14 12.74
CA PRO B 125 -19.26 14.33 14.18
C PRO B 125 -20.17 13.51 15.07
N THR B 126 -21.40 13.24 14.63
CA THR B 126 -22.28 12.37 15.40
C THR B 126 -21.76 10.94 15.40
N MET B 127 -21.42 10.42 14.21
CA MET B 127 -20.85 9.08 14.13
C MET B 127 -19.55 8.99 14.93
N ALA B 128 -18.68 10.00 14.78
CA ALA B 128 -17.45 10.02 15.57
C ALA B 128 -17.77 9.99 17.06
N GLN B 129 -18.77 10.76 17.49
CA GLN B 129 -19.18 10.71 18.89
C GLN B 129 -19.62 9.31 19.28
N GLY B 130 -20.31 8.62 18.38
CA GLY B 130 -20.72 7.25 18.67
C GLY B 130 -19.54 6.33 18.89
N ILE B 131 -18.50 6.44 18.05
CA ILE B 131 -17.32 5.62 18.19
C ILE B 131 -16.63 5.90 19.52
N ILE B 132 -16.59 7.18 19.92
CA ILE B 132 -15.93 7.53 21.18
C ILE B 132 -16.62 6.84 22.35
N GLU B 133 -17.95 6.74 22.29
CA GLU B 133 -18.68 6.04 23.35
C GLU B 133 -18.38 4.54 23.32
N TYR B 134 -18.44 3.93 22.14
CA TYR B 134 -18.15 2.51 22.03
C TYR B 134 -16.75 2.18 22.54
N LYS B 135 -15.79 3.08 22.32
CA LYS B 135 -14.43 2.88 22.82
C LYS B 135 -14.41 2.97 24.34
N VAL B 143 -9.73 1.33 17.13
CA VAL B 143 -8.57 1.35 16.23
C VAL B 143 -8.25 -0.07 15.77
N THR B 144 -8.35 -1.03 16.68
CA THR B 144 -8.04 -2.42 16.38
C THR B 144 -9.23 -3.19 15.83
N ASN B 145 -10.44 -2.66 15.95
CA ASN B 145 -11.64 -3.36 15.49
C ASN B 145 -11.66 -3.34 13.97
N GLN B 146 -11.25 -4.45 13.34
CA GLN B 146 -11.18 -4.50 11.89
C GLN B 146 -12.54 -4.31 11.26
N ASN B 147 -13.60 -4.84 11.89
CA ASN B 147 -14.94 -4.66 11.35
C ASN B 147 -15.40 -3.21 11.46
N LEU B 148 -14.99 -2.51 12.52
CA LEU B 148 -15.36 -1.10 12.63
C LEU B 148 -14.63 -0.26 11.59
N GLN B 149 -13.36 -0.57 11.34
CA GLN B 149 -12.64 0.12 10.28
C GLN B 149 -13.29 -0.14 8.92
N TYR B 150 -13.67 -1.40 8.67
CA TYR B 150 -14.36 -1.74 7.44
C TYR B 150 -15.66 -0.95 7.31
N PHE B 151 -16.44 -0.89 8.38
CA PHE B 151 -17.71 -0.18 8.32
C PHE B 151 -17.51 1.31 8.13
N LEU B 152 -16.58 1.91 8.88
CA LEU B 152 -16.42 3.36 8.82
C LEU B 152 -15.90 3.80 7.46
N ASP B 153 -14.98 3.05 6.86
CA ASP B 153 -14.59 3.33 5.48
C ASP B 153 -15.81 3.37 4.58
N ARG B 154 -16.68 2.37 4.71
CA ARG B 154 -17.84 2.27 3.83
C ARG B 154 -18.89 3.32 4.20
N PHE B 155 -19.11 3.53 5.49
CA PHE B 155 -20.09 4.53 5.91
C PHE B 155 -19.69 5.92 5.45
N TYR B 156 -18.43 6.30 5.67
CA TYR B 156 -18.00 7.64 5.30
C TYR B 156 -17.88 7.78 3.78
N MET B 157 -17.44 6.74 3.10
CA MET B 157 -17.45 6.78 1.64
C MET B 157 -18.88 6.94 1.14
N ASN B 158 -19.82 6.20 1.72
CA ASN B 158 -21.22 6.34 1.34
C ASN B 158 -21.69 7.78 1.53
N ARG B 159 -21.36 8.39 2.67
CA ARG B 159 -21.74 9.77 2.91
C ARG B 159 -21.08 10.70 1.92
N ILE B 160 -19.77 10.55 1.72
CA ILE B 160 -19.07 11.34 0.71
C ILE B 160 -19.83 11.29 -0.61
N SER B 161 -20.28 10.11 -1.00
CA SER B 161 -20.92 9.95 -2.31
C SER B 161 -22.31 10.59 -2.32
N THR B 162 -23.10 10.40 -1.26
CA THR B 162 -24.44 10.97 -1.26
C THR B 162 -24.39 12.49 -1.14
N ARG B 163 -23.49 13.01 -0.31
CA ARG B 163 -23.28 14.46 -0.25
C ARG B 163 -22.82 14.98 -1.61
N MET B 164 -21.91 14.26 -2.26
CA MET B 164 -21.48 14.63 -3.61
C MET B 164 -22.67 14.75 -4.55
N LEU B 165 -23.50 13.69 -4.62
CA LEU B 165 -24.60 13.68 -5.58
C LEU B 165 -25.63 14.74 -5.27
N MET B 166 -26.04 14.85 -4.00
CA MET B 166 -27.05 15.82 -3.63
C MET B 166 -26.56 17.24 -3.85
N ASN B 167 -25.32 17.53 -3.43
CA ASN B 167 -24.80 18.88 -3.63
C ASN B 167 -24.66 19.22 -5.10
N GLN B 168 -24.36 18.23 -5.93
CA GLN B 168 -24.31 18.48 -7.38
C GLN B 168 -25.66 18.97 -7.89
N HIS B 169 -26.74 18.30 -7.48
CA HIS B 169 -28.06 18.72 -7.90
C HIS B 169 -28.44 20.06 -7.28
N ILE B 170 -28.21 20.22 -5.98
CA ILE B 170 -28.54 21.46 -5.31
C ILE B 170 -27.81 22.63 -5.95
N LEU B 171 -26.49 22.49 -6.11
CA LEU B 171 -25.66 23.62 -6.54
C LEU B 171 -25.84 23.95 -8.02
N ILE B 172 -26.49 23.09 -8.79
CA ILE B 172 -26.76 23.36 -10.20
C ILE B 172 -28.18 23.88 -10.41
N PHE B 173 -29.16 23.31 -9.71
CA PHE B 173 -30.57 23.55 -10.02
C PHE B 173 -31.32 24.35 -8.97
N SER B 174 -30.74 24.59 -7.80
CA SER B 174 -31.43 25.40 -6.81
C SER B 174 -31.34 26.88 -7.19
N ASP B 175 -32.26 27.67 -6.64
CA ASP B 175 -32.25 29.10 -6.90
C ASP B 175 -31.29 29.84 -5.98
N SER B 176 -31.13 29.37 -4.75
CA SER B 176 -30.35 30.09 -3.74
C SER B 176 -28.95 29.53 -3.54
N GLN B 177 -28.74 28.24 -3.81
CA GLN B 177 -27.45 27.58 -3.57
C GLN B 177 -26.73 27.45 -4.90
N THR B 178 -25.82 28.38 -5.17
CA THR B 178 -25.10 28.42 -6.43
C THR B 178 -23.67 27.90 -6.33
N GLY B 179 -23.15 27.71 -5.12
CA GLY B 179 -21.78 27.27 -4.98
C GLY B 179 -20.81 28.27 -5.56
N ASN B 180 -19.66 27.78 -5.99
CA ASN B 180 -18.67 28.64 -6.63
C ASN B 180 -19.07 28.86 -8.09
N PRO B 181 -19.09 30.11 -8.58
CA PRO B 181 -19.50 30.33 -9.97
C PRO B 181 -18.63 29.61 -10.99
N SER B 182 -17.37 29.33 -10.66
CA SER B 182 -16.49 28.64 -11.61
C SER B 182 -16.65 27.13 -11.56
N HIS B 183 -17.44 26.60 -10.64
CA HIS B 183 -17.68 25.17 -10.54
C HIS B 183 -19.00 24.80 -11.18
N ILE B 184 -19.09 23.57 -11.65
CA ILE B 184 -20.35 22.96 -12.07
C ILE B 184 -20.78 22.07 -10.91
N GLY B 185 -21.71 22.57 -10.11
CA GLY B 185 -21.99 21.94 -8.83
C GLY B 185 -20.82 22.14 -7.89
N SER B 186 -20.19 21.05 -7.47
N SER B 186 -20.18 21.06 -7.46
CA SER B 186 -18.99 21.09 -6.65
CA SER B 186 -18.98 21.12 -6.66
C SER B 186 -17.74 20.74 -7.43
C SER B 186 -17.73 20.79 -7.44
N ILE B 187 -17.85 20.53 -8.74
CA ILE B 187 -16.74 20.11 -9.58
C ILE B 187 -16.17 21.33 -10.28
N ASP B 188 -14.86 21.51 -10.17
CA ASP B 188 -14.15 22.51 -10.95
C ASP B 188 -13.56 21.82 -12.17
N PRO B 189 -14.09 22.06 -13.38
CA PRO B 189 -13.54 21.37 -14.55
C PRO B 189 -12.11 21.78 -14.88
N ASN B 190 -11.62 22.86 -14.28
CA ASN B 190 -10.26 23.35 -14.47
C ASN B 190 -9.61 23.60 -13.11
N CYS B 191 -9.71 22.62 -12.23
CA CYS B 191 -9.20 22.76 -10.87
C CYS B 191 -7.73 23.16 -10.89
N ASP B 192 -7.44 24.33 -10.34
CA ASP B 192 -6.06 24.80 -10.18
C ASP B 192 -5.46 24.06 -9.00
N VAL B 193 -4.83 22.91 -9.28
CA VAL B 193 -4.34 22.05 -8.21
C VAL B 193 -3.38 22.82 -7.32
N VAL B 194 -2.41 23.52 -7.92
CA VAL B 194 -1.40 24.21 -7.13
C VAL B 194 -2.05 25.26 -6.23
N ALA B 195 -3.05 25.97 -6.74
CA ALA B 195 -3.74 26.95 -5.93
C ALA B 195 -4.43 26.30 -4.73
N VAL B 196 -5.04 25.13 -4.94
CA VAL B 196 -5.65 24.41 -3.83
C VAL B 196 -4.58 23.99 -2.82
N VAL B 197 -3.43 23.52 -3.32
CA VAL B 197 -2.33 23.17 -2.43
C VAL B 197 -1.94 24.36 -1.58
N GLN B 198 -1.74 25.53 -2.21
CA GLN B 198 -1.34 26.71 -1.47
C GLN B 198 -2.41 27.13 -0.47
N ASP B 199 -3.68 27.06 -0.87
CA ASP B 199 -4.75 27.42 0.05
C ASP B 199 -4.81 26.45 1.23
N ALA B 200 -4.74 25.15 0.96
CA ALA B 200 -4.77 24.17 2.04
C ALA B 200 -3.55 24.31 2.93
N PHE B 201 -2.40 24.63 2.36
CA PHE B 201 -1.20 24.82 3.18
C PHE B 201 -1.36 26.01 4.11
N GLU B 202 -1.91 27.12 3.60
N GLU B 202 -1.92 27.12 3.61
CA GLU B 202 -2.13 28.29 4.44
CA GLU B 202 -2.13 28.28 4.46
C GLU B 202 -3.11 27.97 5.56
C GLU B 202 -3.17 28.02 5.53
N CYS B 203 -4.20 27.26 5.25
N CYS B 203 -4.18 27.19 5.23
CA CYS B 203 -5.14 26.88 6.29
CA CYS B 203 -5.17 26.83 6.24
C CYS B 203 -4.47 26.06 7.38
C CYS B 203 -4.53 26.00 7.36
N SER B 204 -3.60 25.12 6.98
CA SER B 204 -2.87 24.35 7.99
C SER B 204 -1.86 25.22 8.71
N ARG B 205 -1.18 26.11 7.97
N ARG B 205 -1.18 26.11 7.97
CA ARG B 205 -0.21 27.00 8.61
CA ARG B 205 -0.22 27.01 8.59
C ARG B 205 -0.85 27.86 9.68
C ARG B 205 -0.87 27.83 9.68
N MET B 206 -2.05 28.39 9.40
CA MET B 206 -2.75 29.20 10.40
C MET B 206 -3.00 28.40 11.66
N LEU B 207 -3.43 27.15 11.52
CA LEU B 207 -3.70 26.31 12.68
C LEU B 207 -2.41 25.91 13.38
N CYS B 208 -1.37 25.60 12.60
CA CYS B 208 -0.08 25.23 13.18
C CYS B 208 0.50 26.38 13.99
N ASP B 209 0.41 27.61 13.46
CA ASP B 209 0.91 28.77 14.19
C ASP B 209 0.19 28.93 15.53
N GLN B 210 -1.12 28.67 15.55
CA GLN B 210 -1.86 28.80 16.80
C GLN B 210 -1.39 27.81 17.84
N TYR B 211 -1.00 26.61 17.41
CA TYR B 211 -0.60 25.57 18.35
C TYR B 211 0.88 25.61 18.70
N TYR B 212 1.72 26.20 17.84
CA TYR B 212 3.16 26.15 18.04
C TYR B 212 3.86 27.50 17.86
N LEU B 213 3.16 28.55 17.43
CA LEU B 213 3.77 29.86 17.17
C LEU B 213 4.85 29.76 16.09
N SER B 214 4.80 28.72 15.27
CA SER B 214 5.72 28.56 14.15
C SER B 214 5.12 27.50 13.24
N SER B 215 5.51 27.55 11.97
CA SER B 215 5.00 26.59 11.01
C SER B 215 6.04 26.41 9.93
N PRO B 216 6.19 25.20 9.39
CA PRO B 216 7.10 25.02 8.25
C PRO B 216 6.63 25.84 7.06
N GLU B 217 7.60 26.29 6.26
CA GLU B 217 7.29 26.94 5.01
C GLU B 217 6.92 25.89 3.96
N LEU B 218 6.40 26.38 2.83
CA LEU B 218 6.05 25.53 1.71
C LEU B 218 7.12 25.67 0.64
N LYS B 219 7.72 24.54 0.26
CA LYS B 219 8.64 24.45 -0.87
C LYS B 219 7.90 23.66 -1.94
N LEU B 220 7.20 24.36 -2.82
CA LEU B 220 6.34 23.72 -3.81
C LEU B 220 7.05 23.63 -5.15
N THR B 221 6.95 22.47 -5.77
CA THR B 221 7.44 22.24 -7.12
C THR B 221 6.30 21.67 -7.94
N GLN B 222 6.23 22.05 -9.22
CA GLN B 222 5.19 21.55 -10.11
C GLN B 222 5.84 21.11 -11.41
N VAL B 223 5.48 19.91 -11.86
CA VAL B 223 5.97 19.34 -13.09
C VAL B 223 4.78 18.88 -13.90
N ASN B 224 4.61 19.44 -15.10
CA ASN B 224 3.51 19.08 -15.96
C ASN B 224 4.07 18.19 -17.07
N GLY B 225 4.27 16.92 -16.73
CA GLY B 225 4.76 15.96 -17.72
C GLY B 225 3.82 15.82 -18.89
N LYS B 226 2.52 16.02 -18.67
CA LYS B 226 1.55 15.93 -19.75
C LYS B 226 1.60 17.17 -20.64
N PHE B 227 1.83 18.34 -20.06
CA PHE B 227 1.91 19.59 -20.80
C PHE B 227 3.05 20.41 -20.21
N PRO B 228 4.29 20.14 -20.62
CA PRO B 228 5.44 20.77 -19.96
C PRO B 228 5.30 22.28 -19.85
N ASP B 229 5.65 22.80 -18.67
CA ASP B 229 5.64 24.22 -18.35
C ASP B 229 4.24 24.83 -18.39
N GLN B 230 3.20 24.02 -18.55
CA GLN B 230 1.84 24.54 -18.56
C GLN B 230 1.22 24.44 -17.17
N PRO B 231 0.31 25.34 -16.82
CA PRO B 231 -0.40 25.21 -15.54
C PRO B 231 -1.06 23.84 -15.45
N ILE B 232 -1.13 23.31 -14.22
CA ILE B 232 -1.67 21.99 -13.97
C ILE B 232 -3.13 22.17 -13.57
N HIS B 233 -4.04 21.74 -14.45
CA HIS B 233 -5.46 21.70 -14.16
C HIS B 233 -5.99 20.31 -14.44
N ILE B 234 -6.92 19.86 -13.61
CA ILE B 234 -7.71 18.66 -13.89
C ILE B 234 -9.15 18.92 -13.47
N VAL B 235 -10.04 18.10 -13.98
CA VAL B 235 -11.40 18.06 -13.45
C VAL B 235 -11.34 17.43 -12.07
N TYR B 236 -11.76 18.17 -11.05
CA TYR B 236 -11.81 17.57 -9.72
C TYR B 236 -12.75 18.38 -8.83
N VAL B 237 -13.02 17.81 -7.66
CA VAL B 237 -13.80 18.46 -6.61
C VAL B 237 -12.82 19.17 -5.70
N PRO B 238 -12.62 20.49 -5.85
CA PRO B 238 -11.60 21.16 -5.03
C PRO B 238 -11.81 21.00 -3.53
N SER B 239 -13.05 20.96 -3.07
CA SER B 239 -13.29 20.79 -1.64
C SER B 239 -12.68 19.48 -1.14
N HIS B 240 -12.85 18.40 -1.91
CA HIS B 240 -12.26 17.12 -1.54
C HIS B 240 -10.74 17.21 -1.53
N LEU B 241 -10.17 17.75 -2.61
CA LEU B 241 -8.72 17.91 -2.68
C LEU B 241 -8.22 18.77 -1.53
N HIS B 242 -8.92 19.87 -1.25
CA HIS B 242 -8.52 20.73 -0.14
C HIS B 242 -8.51 19.98 1.17
N HIS B 243 -9.55 19.16 1.42
N HIS B 243 -9.55 19.16 1.42
CA HIS B 243 -9.60 18.39 2.65
CA HIS B 243 -9.60 18.39 2.65
C HIS B 243 -8.40 17.46 2.76
C HIS B 243 -8.40 17.46 2.76
N MET B 244 -8.10 16.72 1.68
CA MET B 244 -6.96 15.81 1.71
C MET B 244 -5.67 16.54 2.01
N LEU B 245 -5.42 17.64 1.30
CA LEU B 245 -4.17 18.37 1.48
C LEU B 245 -4.11 19.01 2.86
N PHE B 246 -5.22 19.61 3.29
CA PHE B 246 -5.27 20.24 4.61
C PHE B 246 -4.92 19.22 5.70
N GLU B 247 -5.51 18.03 5.62
CA GLU B 247 -5.23 17.02 6.64
C GLU B 247 -3.79 16.55 6.56
N LEU B 248 -3.27 16.35 5.36
CA LEU B 248 -1.88 15.92 5.23
C LEU B 248 -0.93 17.01 5.66
N PHE B 249 -1.27 18.28 5.41
CA PHE B 249 -0.41 19.37 5.86
C PHE B 249 -0.44 19.51 7.37
N LYS B 250 -1.62 19.39 7.98
CA LYS B 250 -1.69 19.41 9.44
C LYS B 250 -0.77 18.36 10.04
N ASN B 251 -0.75 17.17 9.46
CA ASN B 251 0.10 16.10 9.99
C ASN B 251 1.58 16.40 9.74
N ALA B 252 1.93 16.86 8.54
CA ALA B 252 3.32 17.15 8.25
C ALA B 252 3.84 18.30 9.10
N MET B 253 3.01 19.32 9.32
CA MET B 253 3.44 20.46 10.12
C MET B 253 3.62 20.06 11.58
N ARG B 254 2.63 19.37 12.15
CA ARG B 254 2.75 18.90 13.52
C ARG B 254 4.00 18.05 13.70
N ALA B 255 4.19 17.07 12.81
CA ALA B 255 5.36 16.21 12.91
C ALA B 255 6.66 17.00 12.75
N THR B 256 6.66 17.95 11.81
CA THR B 256 7.87 18.73 11.58
C THR B 256 8.22 19.58 12.78
N VAL B 257 7.24 20.31 13.32
CA VAL B 257 7.51 21.21 14.43
C VAL B 257 7.97 20.42 15.65
N GLU B 258 7.23 19.37 16.00
CA GLU B 258 7.56 18.63 17.21
C GLU B 258 8.88 17.89 17.07
N HIS B 259 9.16 17.33 15.89
CA HIS B 259 10.41 16.61 15.72
C HIS B 259 11.61 17.54 15.73
N GLN B 260 11.43 18.81 15.32
CA GLN B 260 12.51 19.77 15.26
C GLN B 260 12.38 20.85 16.33
N GLU B 261 11.59 20.59 17.37
CA GLU B 261 11.34 21.61 18.39
C GLU B 261 12.62 22.05 19.09
N ASN B 262 13.68 21.22 19.08
CA ASN B 262 14.97 21.58 19.65
C ASN B 262 15.94 22.11 18.61
N GLN B 263 15.48 22.33 17.36
CA GLN B 263 16.31 22.86 16.28
C GLN B 263 16.09 24.37 16.15
N PRO B 264 17.10 25.12 15.69
CA PRO B 264 16.93 26.58 15.58
C PRO B 264 15.99 27.01 14.48
N SER B 265 15.63 26.14 13.55
CA SER B 265 14.70 26.50 12.48
C SER B 265 13.85 25.29 12.14
N LEU B 266 12.94 25.48 11.19
CA LEU B 266 12.05 24.42 10.72
C LEU B 266 12.35 24.13 9.26
N THR B 267 12.53 22.86 8.94
CA THR B 267 12.67 22.48 7.55
C THR B 267 11.33 22.68 6.83
N PRO B 268 11.35 23.18 5.59
CA PRO B 268 10.09 23.36 4.87
C PRO B 268 9.41 22.01 4.63
N ILE B 269 8.11 22.09 4.35
CA ILE B 269 7.38 20.95 3.81
C ILE B 269 7.50 21.03 2.29
N GLU B 270 8.06 19.98 1.69
CA GLU B 270 8.30 19.97 0.26
C GLU B 270 7.12 19.29 -0.43
N VAL B 271 6.53 20.00 -1.39
CA VAL B 271 5.39 19.48 -2.14
C VAL B 271 5.76 19.51 -3.62
N ILE B 272 5.51 18.41 -4.31
CA ILE B 272 5.66 18.33 -5.74
C ILE B 272 4.32 17.90 -6.33
N VAL B 273 3.79 18.70 -7.23
CA VAL B 273 2.56 18.41 -7.95
C VAL B 273 2.94 17.99 -9.35
N VAL B 274 2.57 16.78 -9.74
CA VAL B 274 2.95 16.21 -11.02
C VAL B 274 1.69 15.82 -11.77
N LEU B 275 1.59 16.26 -13.02
CA LEU B 275 0.52 15.87 -13.92
C LEU B 275 1.12 14.94 -14.97
N GLY B 276 0.70 13.67 -14.94
CA GLY B 276 1.05 12.72 -15.97
C GLY B 276 -0.10 12.50 -16.93
N LYS B 277 0.10 11.53 -17.83
CA LYS B 277 -0.95 11.24 -18.81
C LYS B 277 -2.22 10.74 -18.13
N GLU B 278 -2.08 9.84 -17.15
CA GLU B 278 -3.23 9.24 -16.48
C GLU B 278 -3.43 9.75 -15.06
N ASP B 279 -2.39 10.26 -14.41
CA ASP B 279 -2.44 10.54 -12.99
C ASP B 279 -2.04 11.97 -12.71
N LEU B 280 -2.70 12.56 -11.71
CA LEU B 280 -2.25 13.79 -11.06
C LEU B 280 -1.74 13.36 -9.69
N THR B 281 -0.45 13.54 -9.45
CA THR B 281 0.20 13.05 -8.24
C THR B 281 0.70 14.22 -7.42
N ILE B 282 0.42 14.17 -6.11
CA ILE B 282 0.90 15.18 -5.17
C ILE B 282 1.65 14.45 -4.07
N LYS B 283 2.94 14.75 -3.94
CA LYS B 283 3.77 14.20 -2.89
C LYS B 283 4.09 15.30 -1.88
N ILE B 284 3.78 15.04 -0.62
CA ILE B 284 4.06 15.96 0.48
C ILE B 284 5.13 15.32 1.34
N SER B 285 6.30 15.96 1.41
CA SER B 285 7.45 15.43 2.12
C SER B 285 7.81 16.34 3.27
N ASP B 286 7.96 15.78 4.46
CA ASP B 286 8.39 16.51 5.64
C ASP B 286 9.61 15.82 6.24
N ARG B 287 10.24 16.50 7.19
CA ARG B 287 11.28 15.91 8.01
C ARG B 287 10.82 15.91 9.46
N GLY B 288 9.64 15.32 9.70
CA GLY B 288 9.04 15.33 11.02
C GLY B 288 9.28 14.06 11.80
N GLY B 289 10.40 13.37 11.54
CA GLY B 289 10.81 12.22 12.31
C GLY B 289 10.24 10.90 11.84
N GLY B 290 9.17 10.91 11.07
CA GLY B 290 8.59 9.69 10.54
C GLY B 290 7.94 8.83 11.62
N VAL B 291 7.55 7.63 11.20
CA VAL B 291 6.93 6.66 12.12
C VAL B 291 7.38 5.25 11.73
N PRO B 292 7.46 4.33 12.69
CA PRO B 292 7.84 2.95 12.35
C PRO B 292 6.86 2.31 11.37
N LEU B 293 7.38 1.43 10.52
CA LEU B 293 6.51 0.71 9.59
C LEU B 293 5.48 -0.11 10.34
N ARG B 294 5.78 -0.51 11.57
CA ARG B 294 4.85 -1.32 12.35
C ARG B 294 3.50 -0.64 12.51
N ILE B 295 3.51 0.68 12.72
CA ILE B 295 2.27 1.41 13.02
C ILE B 295 1.72 2.15 11.81
N ILE B 296 2.33 2.01 10.63
CA ILE B 296 1.87 2.75 9.46
C ILE B 296 0.41 2.43 9.17
N ASP B 297 0.07 1.15 9.15
CA ASP B 297 -1.32 0.76 8.92
C ASP B 297 -2.23 1.31 10.00
N ARG B 298 -1.74 1.38 11.25
CA ARG B 298 -2.55 1.90 12.34
C ARG B 298 -2.90 3.37 12.14
N LEU B 299 -2.04 4.12 11.44
CA LEU B 299 -2.31 5.54 11.23
C LEU B 299 -3.60 5.76 10.47
N PHE B 300 -3.93 4.86 9.53
CA PHE B 300 -5.14 4.97 8.74
C PHE B 300 -6.36 4.39 9.44
N SER B 301 -6.24 4.01 10.70
CA SER B 301 -7.37 3.54 11.47
C SER B 301 -8.08 4.72 12.12
N TYR B 302 -9.41 4.68 12.11
CA TYR B 302 -10.19 5.75 12.71
C TYR B 302 -9.92 5.82 14.21
N THR B 303 -9.78 7.05 14.71
CA THR B 303 -9.55 7.33 16.13
C THR B 303 -8.08 7.22 16.49
N TYR B 304 -7.29 6.47 15.70
CA TYR B 304 -5.88 6.30 16.01
C TYR B 304 -5.16 7.65 15.88
N SER B 305 -4.55 8.10 16.96
CA SER B 305 -3.82 9.36 16.95
C SER B 305 -2.81 9.35 18.10
N THR B 306 -1.59 9.79 17.82
CA THR B 306 -0.61 9.98 18.87
C THR B 306 -0.96 11.14 19.79
N ALA B 307 -1.99 11.93 19.45
CA ALA B 307 -2.49 12.99 20.30
C ALA B 307 -3.79 12.54 20.97
N PRO B 308 -4.10 13.08 22.14
CA PRO B 308 -5.33 12.66 22.83
C PRO B 308 -6.58 13.12 22.08
N THR B 309 -7.68 12.47 22.40
CA THR B 309 -8.95 12.77 21.75
C THR B 309 -9.47 14.12 22.22
N PRO B 310 -9.69 15.10 21.34
CA PRO B 310 -10.20 16.40 21.80
C PRO B 310 -11.61 16.31 22.37
N VAL B 311 -12.17 17.44 22.78
CA VAL B 311 -13.51 17.49 23.34
C VAL B 311 -14.52 17.79 22.25
N PRO B 319 -8.80 22.01 16.73
CA PRO B 319 -8.08 20.76 16.98
C PRO B 319 -7.14 20.39 15.84
N LEU B 320 -5.82 20.52 16.09
CA LEU B 320 -4.84 20.17 15.07
C LEU B 320 -4.83 18.66 14.83
N ALA B 321 -4.68 17.88 15.89
CA ALA B 321 -4.68 16.43 15.79
C ALA B 321 -5.38 15.86 17.02
N GLY B 322 -5.82 14.61 16.90
CA GLY B 322 -6.41 13.91 18.02
C GLY B 322 -7.59 13.02 17.67
N PHE B 323 -8.41 13.47 16.71
CA PHE B 323 -9.58 12.68 16.34
C PHE B 323 -9.21 11.45 15.52
N GLY B 324 -8.05 11.46 14.86
CA GLY B 324 -7.63 10.30 14.10
C GLY B 324 -8.47 10.03 12.87
N TYR B 325 -8.96 11.08 12.22
CA TYR B 325 -9.74 10.94 10.99
C TYR B 325 -9.05 11.52 9.77
N GLY B 326 -8.03 12.35 9.95
CA GLY B 326 -7.33 12.96 8.83
C GLY B 326 -6.91 11.98 7.77
N LEU B 327 -6.06 11.02 8.14
CA LEU B 327 -5.56 10.06 7.16
C LEU B 327 -6.66 9.19 6.58
N PRO B 328 -7.52 8.53 7.37
CA PRO B 328 -8.52 7.64 6.76
C PRO B 328 -9.52 8.38 5.88
N ILE B 329 -10.06 9.50 6.35
CA ILE B 329 -11.02 10.25 5.55
C ILE B 329 -10.34 10.80 4.31
N SER B 330 -9.14 11.34 4.45
CA SER B 330 -8.42 11.84 3.29
C SER B 330 -8.22 10.74 2.25
N ARG B 331 -7.90 9.52 2.71
CA ARG B 331 -7.74 8.42 1.77
C ARG B 331 -9.06 8.06 1.11
N LEU B 332 -10.17 8.13 1.85
CA LEU B 332 -11.47 7.91 1.24
C LEU B 332 -11.71 8.91 0.11
N TYR B 333 -11.41 10.18 0.35
CA TYR B 333 -11.59 11.19 -0.69
C TYR B 333 -10.73 10.86 -1.91
N ALA B 334 -9.49 10.42 -1.68
CA ALA B 334 -8.62 10.07 -2.80
C ALA B 334 -9.17 8.89 -3.57
N LYS B 335 -9.62 7.86 -2.86
CA LYS B 335 -10.12 6.65 -3.51
C LYS B 335 -11.54 6.81 -4.04
N TYR B 336 -12.27 7.82 -3.57
CA TYR B 336 -13.67 8.00 -3.98
C TYR B 336 -13.79 8.07 -5.50
N PHE B 337 -12.84 8.72 -6.16
CA PHE B 337 -12.81 8.81 -7.62
C PHE B 337 -11.64 8.02 -8.22
N GLN B 338 -11.39 6.83 -7.68
CA GLN B 338 -10.39 5.90 -8.20
C GLN B 338 -8.96 6.38 -8.01
N GLY B 339 -8.75 7.36 -7.14
CA GLY B 339 -7.42 7.75 -6.74
C GLY B 339 -6.93 6.92 -5.57
N ASP B 340 -5.95 7.46 -4.87
CA ASP B 340 -5.45 6.78 -3.69
C ASP B 340 -4.60 7.74 -2.88
N LEU B 341 -4.35 7.35 -1.64
CA LEU B 341 -3.53 8.14 -0.72
C LEU B 341 -2.66 7.15 0.04
N ASN B 342 -1.35 7.28 -0.12
CA ASN B 342 -0.40 6.40 0.53
C ASN B 342 0.58 7.22 1.36
N LEU B 343 1.07 6.61 2.43
CA LEU B 343 2.06 7.20 3.31
C LEU B 343 3.29 6.29 3.32
N TYR B 344 4.46 6.89 3.10
CA TYR B 344 5.73 6.17 3.16
C TYR B 344 6.65 6.97 4.06
N SER B 345 7.04 6.36 5.18
CA SER B 345 7.73 7.07 6.24
C SER B 345 9.13 6.51 6.42
N LEU B 346 10.08 7.40 6.68
CA LEU B 346 11.44 7.04 7.01
C LEU B 346 11.59 7.32 8.50
N SER B 347 11.37 6.30 9.32
CA SER B 347 11.42 6.46 10.77
C SER B 347 12.77 7.02 11.20
N GLY B 348 12.75 8.16 11.87
CA GLY B 348 13.94 8.87 12.26
C GLY B 348 14.28 10.05 11.35
N TYR B 349 13.53 10.24 10.27
CA TYR B 349 13.84 11.31 9.33
C TYR B 349 12.58 12.11 8.97
N GLY B 350 11.62 11.46 8.32
CA GLY B 350 10.45 12.17 7.84
C GLY B 350 9.54 11.24 7.09
N THR B 351 8.53 11.84 6.46
CA THR B 351 7.46 11.08 5.83
C THR B 351 7.09 11.67 4.49
N ASP B 352 6.79 10.79 3.54
CA ASP B 352 6.22 11.16 2.24
C ASP B 352 4.76 10.74 2.23
N ALA B 353 3.87 11.72 2.07
CA ALA B 353 2.46 11.47 1.80
C ALA B 353 2.21 11.73 0.33
N ILE B 354 1.57 10.78 -0.35
CA ILE B 354 1.39 10.84 -1.79
C ILE B 354 -0.09 10.68 -2.11
N ILE B 355 -0.65 11.66 -2.81
CA ILE B 355 -2.01 11.59 -3.33
C ILE B 355 -1.95 11.24 -4.80
N TYR B 356 -2.73 10.25 -5.21
CA TYR B 356 -2.94 9.92 -6.60
C TYR B 356 -4.38 10.27 -6.97
N LEU B 357 -4.54 11.09 -7.99
CA LEU B 357 -5.84 11.38 -8.57
C LEU B 357 -5.83 11.04 -10.04
N LYS B 358 -6.96 10.57 -10.55
CA LYS B 358 -7.08 10.35 -11.98
C LYS B 358 -7.08 11.68 -12.70
N ALA B 359 -6.26 11.78 -13.75
CA ALA B 359 -6.17 13.01 -14.54
C ALA B 359 -7.32 13.16 -15.53
N LEU B 360 -8.08 12.11 -15.78
CA LEU B 360 -9.19 12.14 -16.72
C LEU B 360 -10.50 11.96 -15.96
N SER B 361 -11.47 12.84 -16.24
CA SER B 361 -12.73 12.78 -15.52
C SER B 361 -13.51 11.51 -15.84
N SER B 362 -13.33 10.96 -17.05
CA SER B 362 -14.06 9.75 -17.43
C SER B 362 -13.62 8.55 -16.61
N GLU B 363 -12.36 8.51 -16.19
CA GLU B 363 -11.86 7.44 -15.34
C GLU B 363 -12.01 7.73 -13.86
N SER B 364 -12.48 8.92 -13.50
CA SER B 364 -12.74 9.28 -12.11
C SER B 364 -14.14 8.80 -11.75
N ILE B 365 -14.23 7.50 -11.46
CA ILE B 365 -15.51 6.84 -11.21
C ILE B 365 -15.68 6.66 -9.70
N GLU B 366 -16.91 6.87 -9.23
CA GLU B 366 -17.21 6.67 -7.83
C GLU B 366 -16.80 5.28 -7.36
N LYS B 367 -16.14 5.23 -6.21
CA LYS B 367 -15.84 3.98 -5.54
C LYS B 367 -16.83 3.85 -4.40
N LEU B 368 -17.84 3.00 -4.58
CA LEU B 368 -18.97 2.96 -3.69
C LEU B 368 -19.10 1.60 -3.00
N PRO B 369 -19.40 1.58 -1.70
CA PRO B 369 -19.69 0.30 -1.05
C PRO B 369 -21.08 -0.20 -1.39
N VAL B 370 -21.22 -1.52 -1.43
CA VAL B 370 -22.48 -2.17 -1.71
C VAL B 370 -22.70 -3.24 -0.65
N PHE B 371 -23.91 -3.30 -0.11
CA PHE B 371 -24.26 -4.33 0.88
C PHE B 371 -24.69 -5.58 0.13
N ASN B 372 -23.88 -6.62 0.20
CA ASN B 372 -24.15 -7.87 -0.49
C ASN B 372 -23.51 -9.01 0.31
N LYS B 373 -23.52 -10.21 -0.26
CA LYS B 373 -22.94 -11.36 0.43
C LYS B 373 -21.48 -11.12 0.75
N SER B 374 -20.73 -10.51 -0.18
CA SER B 374 -19.32 -10.25 0.04
C SER B 374 -19.12 -9.36 1.26
N ALA B 375 -19.82 -8.23 1.32
CA ALA B 375 -19.69 -7.34 2.46
C ALA B 375 -20.11 -8.03 3.75
N PHE B 376 -21.23 -8.75 3.72
CA PHE B 376 -21.68 -9.46 4.92
C PHE B 376 -20.67 -10.50 5.34
N LYS B 377 -20.04 -11.20 4.37
CA LYS B 377 -19.02 -12.18 4.72
C LYS B 377 -17.78 -11.52 5.28
N HIS B 378 -17.47 -10.29 4.84
CA HIS B 378 -16.31 -9.58 5.36
C HIS B 378 -16.48 -9.27 6.85
N TYR B 379 -17.71 -8.99 7.28
CA TYR B 379 -17.98 -8.72 8.69
C TYR B 379 -17.87 -10.00 9.51
S SO4 C . 23.41 -20.34 -5.70
O1 SO4 C . 22.52 -20.67 -4.60
O2 SO4 C . 24.78 -20.28 -5.21
O3 SO4 C . 23.31 -21.37 -6.74
O4 SO4 C . 23.03 -19.04 -6.26
C1 J0L D . 12.49 1.45 -8.88
C2 J0L D . 11.75 0.38 -9.43
C3 J0L D . 11.09 0.50 -10.64
C4 J0L D . 12.57 2.69 -9.53
C5 J0L D . 11.90 2.78 -10.74
C6 J0L D . 11.16 1.72 -11.30
C7 J0L D . 10.56 2.15 -12.60
C8 J0L D . 11.05 3.61 -12.72
C11 J0L D . 11.07 1.32 -13.78
C12 J0L D . 9.03 2.14 -12.54
C14 J0L D . 13.99 3.77 -7.77
N13 J0L D . 13.28 3.76 -9.03
N9 J0L D . 11.82 3.88 -11.59
O10 J0L D . 10.82 4.41 -13.61
S SO4 E . -22.95 19.87 3.97
O1 SO4 E . -24.17 20.42 4.56
O2 SO4 E . -22.19 19.19 5.02
O3 SO4 E . -22.15 20.96 3.42
O4 SO4 E . -23.29 18.94 2.92
S SO4 F . -7.49 14.90 12.25
O1 SO4 F . -7.08 15.31 13.60
O2 SO4 F . -6.37 14.24 11.59
O3 SO4 F . -8.61 13.96 12.34
O4 SO4 F . -7.88 16.08 11.50
MG MG G . -4.41 14.34 11.21
PB ADP H . -4.55 12.85 13.81
O1B ADP H . -3.70 11.87 14.58
O2B ADP H . -5.69 13.44 14.61
O3B ADP H . -3.76 13.88 13.03
PA ADP H . -4.52 11.43 11.38
O1A ADP H . -5.25 10.21 10.88
O2A ADP H . -4.27 12.59 10.45
O3A ADP H . -5.29 11.99 12.67
O5' ADP H . -3.09 10.93 11.93
C5' ADP H . -3.02 9.70 12.66
C4' ADP H . -1.62 9.47 13.18
O4' ADP H . -0.70 9.19 12.11
C3' ADP H . -1.06 10.68 13.92
O3' ADP H . -1.33 10.61 15.33
C2' ADP H . 0.43 10.64 13.63
O2' ADP H . 1.17 10.08 14.71
C1' ADP H . 0.58 9.76 12.40
N9 ADP H . 1.04 10.57 11.26
C8 ADP H . 0.28 10.96 10.22
N7 ADP H . 1.01 11.70 9.34
C5 ADP H . 2.26 11.80 9.84
C6 ADP H . 3.52 12.44 9.42
N6 ADP H . 3.57 13.14 8.27
N1 ADP H . 4.61 12.31 10.22
C2 ADP H . 4.55 11.61 11.37
N3 ADP H . 3.44 11.00 11.81
C4 ADP H . 2.28 11.06 11.10
#